data_2G80
#
_entry.id   2G80
#
_cell.length_a   74.688
_cell.length_b   102.016
_cell.length_c   77.227
_cell.angle_alpha   90.000
_cell.angle_beta   92.680
_cell.angle_gamma   90.000
#
_symmetry.space_group_name_H-M   'P 1 21 1'
#
loop_
_entity.id
_entity.type
_entity.pdbx_description
1 polymer 'Protein UTR4'
2 non-polymer 'MAGNESIUM ION'
3 non-polymer 2-{2-[2-(2-{2-[2-(2-ETHOXY-ETHOXY)-ETHOXY]-ETHOXY}-ETHOXY)-ETHOXY]-ETHOXY}-ETHANOL
4 non-polymer GLYCEROL
5 water water
#
_entity_poly.entity_id   1
_entity_poly.type   'polypeptide(L)'
_entity_poly.pdbx_seq_one_letter_code
;MGSDKIHHHHHHMVIGQKVLLARIPKMGDNYSTYLLDIEGTVCPISFVKETLFPYFTNKVPQLVQQDTRDSPVSNILSQF
HIDNKEQLQAHILELVAKDVKDPILKQLQGYVWAHGYESGQIKAPVYADAIDFIKRKKRVFIYSSGSVKAQKLLFGYVQD
PNAPAHDSLDLNSYIDGYFDINTSGKKTETQSYANILRDIGAKASEVLFLSDNPLELDAAAGVGIATGLASRPGNAPVPD
GQKYQVYKNFETL
;
_entity_poly.pdbx_strand_id   A,B,C,D
#
loop_
_chem_comp.id
_chem_comp.type
_chem_comp.name
_chem_comp.formula
GOL non-polymer GLYCEROL 'C3 H8 O3'
MG non-polymer 'MAGNESIUM ION' 'Mg 2'
PE4 non-polymer 2-{2-[2-(2-{2-[2-(2-ETHOXY-ETHOXY)-ETHOXY]-ETHOXY}-ETHOXY)-ETHOXY]-ETHOXY}-ETHANOL 'C16 H34 O8'
#
# COMPACT_ATOMS: atom_id res chain seq x y z
N ASP A 29 -37.16 -12.99 -21.89
CA ASP A 29 -37.10 -12.71 -20.40
C ASP A 29 -37.30 -11.20 -20.07
N ASN A 30 -37.13 -10.83 -18.79
CA ASN A 30 -37.32 -9.44 -18.34
C ASN A 30 -36.42 -8.37 -18.99
N TYR A 31 -35.25 -8.79 -19.50
CA TYR A 31 -34.27 -7.85 -20.11
C TYR A 31 -33.80 -8.29 -21.50
N SER A 32 -33.56 -7.33 -22.39
CA SER A 32 -32.98 -7.67 -23.69
C SER A 32 -31.48 -7.99 -23.52
N THR A 33 -30.83 -7.32 -22.56
CA THR A 33 -29.39 -7.34 -22.41
C THR A 33 -28.92 -7.42 -20.97
N TYR A 34 -27.79 -8.09 -20.81
CA TYR A 34 -27.11 -8.29 -19.55
C TYR A 34 -25.66 -7.85 -19.64
N LEU A 35 -25.24 -7.10 -18.63
CA LEU A 35 -23.91 -6.58 -18.48
C LEU A 35 -23.37 -7.22 -17.21
N LEU A 36 -22.21 -7.85 -17.32
CA LEU A 36 -21.65 -8.59 -16.18
C LEU A 36 -20.29 -8.12 -15.78
N ASP A 37 -20.13 -7.87 -14.48
CA ASP A 37 -18.84 -7.71 -13.85
C ASP A 37 -18.19 -9.13 -13.83
N ILE A 38 -16.85 -9.21 -13.73
CA ILE A 38 -16.15 -10.51 -13.63
C ILE A 38 -15.93 -10.96 -12.20
N GLU A 39 -15.03 -10.26 -11.50
CA GLU A 39 -14.49 -10.68 -10.20
C GLU A 39 -15.50 -10.54 -9.10
N GLY A 40 -15.80 -11.62 -8.37
CA GLY A 40 -16.86 -11.60 -7.34
C GLY A 40 -18.28 -11.70 -7.90
N THR A 41 -18.40 -11.80 -9.23
CA THR A 41 -19.69 -11.88 -9.91
C THR A 41 -19.82 -13.19 -10.70
N VAL A 42 -18.97 -13.42 -11.69
CA VAL A 42 -18.94 -14.68 -12.45
C VAL A 42 -17.74 -15.59 -12.07
N CYS A 43 -16.70 -14.99 -11.46
CA CYS A 43 -15.48 -15.70 -11.06
CA CYS A 43 -15.45 -15.68 -11.03
C CYS A 43 -15.18 -15.40 -9.58
N PRO A 44 -14.67 -16.40 -8.81
CA PRO A 44 -14.25 -16.14 -7.44
C PRO A 44 -13.22 -15.03 -7.38
N ILE A 45 -13.40 -14.16 -6.42
CA ILE A 45 -12.52 -13.04 -6.19
C ILE A 45 -11.10 -13.56 -5.81
N SER A 46 -11.02 -14.76 -5.24
CA SER A 46 -9.74 -15.39 -4.90
C SER A 46 -8.81 -15.77 -6.07
N PHE A 47 -9.37 -15.89 -7.29
CA PHE A 47 -8.62 -16.33 -8.46
C PHE A 47 -7.36 -15.52 -8.79
N VAL A 48 -7.47 -14.20 -8.84
CA VAL A 48 -6.34 -13.32 -9.18
C VAL A 48 -5.17 -13.42 -8.19
N LYS A 49 -5.46 -13.39 -6.88
CA LYS A 49 -4.41 -13.43 -5.84
C LYS A 49 -3.93 -14.83 -5.49
N GLU A 50 -4.81 -15.83 -5.47
CA GLU A 50 -4.36 -17.20 -5.16
C GLU A 50 -3.68 -17.91 -6.30
N THR A 51 -4.09 -17.58 -7.54
CA THR A 51 -3.64 -18.24 -8.75
C THR A 51 -2.89 -17.36 -9.80
N LEU A 52 -3.52 -16.30 -10.33
CA LEU A 52 -2.89 -15.53 -11.45
C LEU A 52 -1.60 -14.79 -11.09
N PHE A 53 -1.64 -14.01 -10.04
CA PHE A 53 -0.46 -13.25 -9.60
C PHE A 53 0.72 -14.15 -9.25
N PRO A 54 0.52 -15.18 -8.37
CA PRO A 54 1.60 -16.16 -8.06
C PRO A 54 2.13 -16.92 -9.26
N TYR A 55 1.23 -17.32 -10.17
CA TYR A 55 1.63 -17.96 -11.42
C TYR A 55 2.62 -17.05 -12.18
N PHE A 56 2.23 -15.80 -12.35
CA PHE A 56 3.05 -14.80 -13.04
C PHE A 56 4.39 -14.49 -12.33
N THR A 57 4.33 -14.23 -11.01
CA THR A 57 5.54 -13.93 -10.23
C THR A 57 6.52 -15.12 -10.17
N ASN A 58 6.01 -16.37 -10.15
CA ASN A 58 6.89 -17.56 -10.23
C ASN A 58 7.60 -17.65 -11.59
N LYS A 59 6.96 -17.18 -12.67
CA LYS A 59 7.57 -17.19 -14.03
C LYS A 59 8.56 -16.02 -14.34
N VAL A 60 8.44 -14.89 -13.63
CA VAL A 60 9.27 -13.68 -13.86
C VAL A 60 10.80 -13.87 -13.92
N PRO A 61 11.39 -14.49 -12.87
CA PRO A 61 12.86 -14.67 -12.87
C PRO A 61 13.46 -15.32 -14.13
N GLN A 62 12.88 -16.42 -14.56
CA GLN A 62 13.34 -17.15 -15.75
C GLN A 62 13.29 -16.29 -17.01
N LEU A 63 12.16 -15.62 -17.24
CA LEU A 63 12.01 -14.77 -18.44
C LEU A 63 12.93 -13.58 -18.45
N VAL A 64 13.15 -12.96 -17.27
CA VAL A 64 14.07 -11.81 -17.16
C VAL A 64 15.53 -12.25 -17.31
N GLN A 65 15.94 -13.28 -16.54
CA GLN A 65 17.32 -13.82 -16.55
C GLN A 65 17.80 -14.35 -17.91
N GLN A 66 16.88 -14.89 -18.73
CA GLN A 66 17.19 -15.35 -20.10
C GLN A 66 17.05 -14.13 -20.99
N ASP A 67 18.18 -13.60 -21.49
CA ASP A 67 18.15 -12.33 -22.23
C ASP A 67 18.35 -12.23 -23.73
N THR A 68 17.59 -12.99 -24.51
CA THR A 68 17.72 -12.94 -25.99
C THR A 68 17.02 -11.69 -26.54
N ARG A 69 17.80 -10.70 -26.96
CA ARG A 69 17.29 -9.43 -27.49
C ARG A 69 16.21 -9.45 -28.59
N ASP A 70 16.16 -10.51 -29.40
CA ASP A 70 15.18 -10.62 -30.50
C ASP A 70 13.81 -11.27 -30.24
N SER A 71 13.50 -11.61 -28.98
CA SER A 71 12.22 -12.29 -28.63
C SER A 71 10.97 -11.38 -28.65
N PRO A 72 9.76 -11.96 -28.81
CA PRO A 72 8.51 -11.17 -28.61
C PRO A 72 8.37 -10.66 -27.15
N VAL A 73 8.80 -11.46 -26.16
CA VAL A 73 8.81 -11.03 -24.75
C VAL A 73 9.91 -9.95 -24.47
N SER A 74 10.99 -9.97 -25.25
CA SER A 74 12.13 -9.04 -25.14
C SER A 74 11.72 -7.58 -25.48
N ASN A 75 10.82 -7.46 -26.46
CA ASN A 75 10.22 -6.18 -26.86
C ASN A 75 9.33 -5.64 -25.76
N ILE A 76 8.59 -6.52 -25.08
CA ILE A 76 7.77 -6.11 -23.93
C ILE A 76 8.69 -5.65 -22.79
N LEU A 77 9.68 -6.50 -22.45
CA LEU A 77 10.61 -6.21 -21.36
C LEU A 77 11.40 -4.92 -21.49
N SER A 78 11.80 -4.58 -22.72
CA SER A 78 12.54 -3.36 -23.01
C SER A 78 11.73 -2.09 -22.70
N GLN A 79 10.41 -2.15 -22.80
CA GLN A 79 9.54 -0.99 -22.48
C GLN A 79 9.42 -0.61 -21.00
N PHE A 80 10.07 -1.37 -20.10
CA PHE A 80 10.23 -0.95 -18.69
C PHE A 80 11.37 0.06 -18.58
N HIS A 81 12.29 0.04 -19.56
CA HIS A 81 13.46 0.93 -19.63
C HIS A 81 14.47 0.76 -18.49
N ILE A 82 14.62 -0.49 -18.05
CA ILE A 82 15.58 -0.89 -17.01
C ILE A 82 16.47 -1.99 -17.63
N ASP A 83 17.74 -1.68 -17.83
CA ASP A 83 18.70 -2.58 -18.44
C ASP A 83 19.28 -3.65 -17.50
N ASN A 84 19.49 -3.29 -16.23
CA ASN A 84 20.01 -4.25 -15.24
C ASN A 84 18.91 -5.28 -14.92
N LYS A 85 19.21 -6.55 -15.21
CA LYS A 85 18.27 -7.65 -15.01
C LYS A 85 17.82 -7.87 -13.57
N GLU A 86 18.72 -7.64 -12.61
CA GLU A 86 18.40 -7.74 -11.16
C GLU A 86 17.40 -6.62 -10.78
N GLN A 87 17.66 -5.40 -11.26
CA GLN A 87 16.74 -4.27 -11.03
C GLN A 87 15.43 -4.46 -11.74
N LEU A 88 15.49 -4.95 -12.99
CA LEU A 88 14.24 -5.24 -13.75
C LEU A 88 13.37 -6.33 -13.07
N GLN A 89 14.01 -7.39 -12.61
CA GLN A 89 13.31 -8.47 -11.92
C GLN A 89 12.64 -7.91 -10.67
N ALA A 90 13.43 -7.25 -9.83
CA ALA A 90 12.92 -6.62 -8.60
C ALA A 90 11.78 -5.59 -8.83
N HIS A 91 11.91 -4.77 -9.87
CA HIS A 91 10.89 -3.76 -10.25
C HIS A 91 9.54 -4.41 -10.64
N ILE A 92 9.58 -5.46 -11.46
CA ILE A 92 8.35 -6.17 -11.91
C ILE A 92 7.62 -6.76 -10.71
N LEU A 93 8.38 -7.42 -9.82
CA LEU A 93 7.81 -8.02 -8.61
C LEU A 93 7.27 -6.98 -7.64
N GLU A 94 7.90 -5.79 -7.60
CA GLU A 94 7.42 -4.65 -6.80
C GLU A 94 6.09 -4.14 -7.34
N LEU A 95 5.97 -3.99 -8.66
CA LEU A 95 4.71 -3.51 -9.27
C LEU A 95 3.51 -4.43 -8.93
N VAL A 96 3.76 -5.74 -8.94
CA VAL A 96 2.74 -6.75 -8.62
C VAL A 96 2.36 -6.62 -7.13
N ALA A 97 3.38 -6.63 -6.27
CA ALA A 97 3.20 -6.49 -4.80
C ALA A 97 2.45 -5.23 -4.39
N LYS A 98 2.71 -4.12 -5.08
CA LYS A 98 2.04 -2.83 -4.80
C LYS A 98 0.77 -2.57 -5.64
N ASP A 99 0.35 -3.55 -6.43
CA ASP A 99 -0.80 -3.51 -7.34
C ASP A 99 -0.82 -2.30 -8.30
N VAL A 100 0.34 -2.06 -8.92
CA VAL A 100 0.50 -0.91 -9.80
C VAL A 100 -0.05 -1.24 -11.18
N LYS A 101 -0.90 -0.37 -11.70
CA LYS A 101 -1.50 -0.50 -13.03
C LYS A 101 -0.57 0.16 -14.08
N ASP A 102 0.42 -0.61 -14.51
CA ASP A 102 1.38 -0.21 -15.54
C ASP A 102 0.98 -1.06 -16.76
N PRO A 103 0.70 -0.43 -17.94
CA PRO A 103 0.33 -1.21 -19.14
C PRO A 103 1.41 -2.16 -19.68
N ILE A 104 2.68 -1.89 -19.40
CA ILE A 104 3.76 -2.77 -19.83
C ILE A 104 3.72 -4.04 -18.99
N LEU A 105 3.38 -3.90 -17.70
CA LEU A 105 3.16 -5.04 -16.79
C LEU A 105 2.00 -5.91 -17.30
N LYS A 106 0.87 -5.30 -17.63
CA LYS A 106 -0.32 -5.99 -18.14
C LYS A 106 -0.06 -6.78 -19.41
N GLN A 107 0.77 -6.22 -20.30
CA GLN A 107 1.19 -6.95 -21.49
C GLN A 107 2.06 -8.14 -21.12
N LEU A 108 3.02 -7.92 -20.22
CA LEU A 108 3.88 -9.03 -19.80
C LEU A 108 3.05 -10.15 -19.16
N GLN A 109 2.10 -9.74 -18.30
CA GLN A 109 1.10 -10.64 -17.69
C GLN A 109 0.27 -11.39 -18.72
N GLY A 110 -0.18 -10.68 -19.75
CA GLY A 110 -0.94 -11.25 -20.84
C GLY A 110 -0.17 -12.35 -21.53
N TYR A 111 1.10 -12.06 -21.86
CA TYR A 111 1.98 -13.01 -22.51
C TYR A 111 2.17 -14.30 -21.67
N VAL A 112 2.49 -14.13 -20.39
CA VAL A 112 2.72 -15.26 -19.47
C VAL A 112 1.42 -16.07 -19.22
N TRP A 113 0.31 -15.36 -18.99
CA TRP A 113 -0.98 -15.98 -18.76
C TRP A 113 -1.47 -16.70 -19.99
N ALA A 114 -1.27 -16.13 -21.19
CA ALA A 114 -1.68 -16.81 -22.42
C ALA A 114 -1.06 -18.20 -22.54
N HIS A 115 0.24 -18.31 -22.27
CA HIS A 115 0.96 -19.57 -22.30
C HIS A 115 0.48 -20.46 -21.16
N GLY A 116 0.26 -19.89 -19.98
CA GLY A 116 -0.31 -20.63 -18.83
C GLY A 116 -1.66 -21.27 -19.16
N TYR A 117 -2.56 -20.49 -19.74
CA TYR A 117 -3.86 -21.00 -20.19
C TYR A 117 -3.74 -22.06 -21.30
N GLU A 118 -2.97 -21.73 -22.35
CA GLU A 118 -2.78 -22.63 -23.52
C GLU A 118 -2.09 -23.95 -23.22
N SER A 119 -1.15 -23.92 -22.29
CA SER A 119 -0.48 -25.12 -21.80
C SER A 119 -1.30 -25.94 -20.76
N GLY A 120 -2.46 -25.44 -20.33
CA GLY A 120 -3.29 -26.12 -19.35
C GLY A 120 -2.84 -25.93 -17.92
N GLN A 121 -1.90 -25.01 -17.69
CA GLN A 121 -1.40 -24.76 -16.33
C GLN A 121 -2.36 -23.93 -15.47
N ILE A 122 -3.28 -23.20 -16.11
CA ILE A 122 -4.28 -22.39 -15.42
C ILE A 122 -5.60 -22.42 -16.20
N LYS A 123 -6.69 -22.39 -15.43
CA LYS A 123 -8.05 -22.43 -15.96
C LYS A 123 -8.87 -21.47 -15.15
N ALA A 124 -9.76 -20.71 -15.78
CA ALA A 124 -10.58 -19.69 -15.08
C ALA A 124 -11.79 -20.36 -14.39
N PRO A 125 -11.87 -20.28 -13.05
CA PRO A 125 -12.95 -20.91 -12.29
C PRO A 125 -14.32 -20.19 -12.34
N VAL A 126 -14.98 -20.17 -13.50
CA VAL A 126 -16.28 -19.53 -13.60
C VAL A 126 -17.33 -20.39 -12.92
N TYR A 127 -18.20 -19.74 -12.13
CA TYR A 127 -19.27 -20.47 -11.41
C TYR A 127 -20.16 -21.21 -12.40
N ALA A 128 -20.52 -22.45 -12.07
CA ALA A 128 -21.34 -23.27 -12.98
C ALA A 128 -22.64 -22.55 -13.48
N ASP A 129 -23.35 -21.91 -12.57
CA ASP A 129 -24.56 -21.16 -12.91
C ASP A 129 -24.28 -19.91 -13.80
N ALA A 130 -23.09 -19.34 -13.71
CA ALA A 130 -22.71 -18.19 -14.56
C ALA A 130 -22.41 -18.68 -15.98
N ILE A 131 -21.84 -19.89 -16.09
CA ILE A 131 -21.60 -20.54 -17.39
C ILE A 131 -22.93 -20.78 -18.10
N ASP A 132 -23.90 -21.35 -17.40
CA ASP A 132 -25.23 -21.66 -17.95
C ASP A 132 -25.97 -20.38 -18.36
N PHE A 133 -25.86 -19.34 -17.53
CA PHE A 133 -26.45 -18.02 -17.78
C PHE A 133 -25.93 -17.41 -19.08
N ILE A 134 -24.61 -17.36 -19.22
CA ILE A 134 -23.92 -16.85 -20.42
C ILE A 134 -24.30 -17.64 -21.68
N LYS A 135 -24.39 -18.98 -21.56
CA LYS A 135 -24.80 -19.82 -22.68
C LYS A 135 -26.25 -19.67 -23.10
N ARG A 136 -27.15 -19.26 -22.19
CA ARG A 136 -28.59 -19.16 -22.51
C ARG A 136 -29.15 -17.79 -22.86
N LYS A 137 -28.55 -16.72 -22.31
CA LYS A 137 -29.04 -15.39 -22.55
C LYS A 137 -28.59 -14.92 -23.94
N LYS A 138 -29.47 -14.19 -24.63
CA LYS A 138 -29.19 -13.74 -25.99
C LYS A 138 -28.18 -12.64 -26.16
N ARG A 139 -28.11 -11.70 -25.23
CA ARG A 139 -27.17 -10.60 -25.33
C ARG A 139 -26.44 -10.41 -24.01
N VAL A 140 -25.17 -10.77 -24.02
CA VAL A 140 -24.30 -10.74 -22.84
C VAL A 140 -23.00 -10.00 -23.16
N PHE A 141 -22.73 -8.94 -22.40
CA PHE A 141 -21.55 -8.12 -22.46
C PHE A 141 -20.82 -8.14 -21.11
N ILE A 142 -19.50 -8.09 -21.18
CA ILE A 142 -18.64 -8.10 -19.98
C ILE A 142 -18.07 -6.68 -19.80
N TYR A 143 -17.99 -6.21 -18.55
CA TYR A 143 -17.33 -4.96 -18.17
C TYR A 143 -16.43 -5.23 -16.97
N SER A 144 -15.12 -5.05 -17.13
CA SER A 144 -14.14 -5.35 -16.07
C SER A 144 -12.95 -4.38 -16.03
N SER A 145 -12.18 -4.36 -14.94
CA SER A 145 -10.93 -3.57 -14.83
C SER A 145 -9.83 -4.18 -15.72
N GLY A 146 -9.90 -5.50 -15.94
CA GLY A 146 -8.95 -6.18 -16.84
C GLY A 146 -9.23 -5.76 -18.26
N SER A 147 -8.18 -5.69 -19.08
CA SER A 147 -8.32 -5.25 -20.49
C SER A 147 -9.14 -6.26 -21.28
N VAL A 148 -9.67 -5.82 -22.41
CA VAL A 148 -10.51 -6.66 -23.28
C VAL A 148 -9.81 -7.99 -23.71
N LYS A 149 -8.52 -7.89 -24.03
CA LYS A 149 -7.66 -9.02 -24.43
C LYS A 149 -7.55 -10.01 -23.28
N ALA A 150 -7.37 -9.51 -22.06
CA ALA A 150 -7.31 -10.34 -20.86
C ALA A 150 -8.63 -11.06 -20.54
N GLN A 151 -9.75 -10.36 -20.78
CA GLN A 151 -11.08 -10.93 -20.58
C GLN A 151 -11.31 -12.07 -21.59
N LYS A 152 -11.04 -11.79 -22.86
CA LYS A 152 -11.18 -12.80 -23.92
C LYS A 152 -10.37 -14.08 -23.67
N LEU A 153 -9.15 -13.88 -23.18
CA LEU A 153 -8.25 -14.94 -22.78
C LEU A 153 -8.84 -15.73 -21.61
N LEU A 154 -9.35 -15.03 -20.59
CA LEU A 154 -10.04 -15.69 -19.43
C LEU A 154 -11.23 -16.56 -19.85
N PHE A 155 -12.13 -15.99 -20.67
CA PHE A 155 -13.30 -16.72 -21.18
C PHE A 155 -13.01 -17.76 -22.24
N GLY A 156 -11.80 -17.77 -22.81
CA GLY A 156 -11.41 -18.82 -23.73
C GLY A 156 -10.96 -20.13 -23.06
N TYR A 157 -10.66 -20.09 -21.75
CA TYR A 157 -10.05 -21.22 -20.99
C TYR A 157 -10.66 -21.38 -19.61
N VAL A 158 -11.95 -21.68 -19.63
CA VAL A 158 -12.76 -21.78 -18.46
C VAL A 158 -12.71 -23.21 -17.93
N GLN A 159 -12.53 -23.33 -16.62
CA GLN A 159 -12.52 -24.61 -15.92
C GLN A 159 -13.90 -25.29 -16.08
N ASP A 160 -13.86 -26.57 -16.47
CA ASP A 160 -15.06 -27.37 -16.64
C ASP A 160 -15.55 -27.75 -15.25
N PRO A 161 -16.75 -27.28 -14.83
CA PRO A 161 -17.24 -27.68 -13.48
C PRO A 161 -17.41 -29.20 -13.33
N ASN A 162 -17.75 -29.89 -14.40
CA ASN A 162 -17.88 -31.35 -14.38
C ASN A 162 -16.55 -32.13 -14.21
N ALA A 163 -15.43 -31.50 -14.55
CA ALA A 163 -14.11 -32.15 -14.46
C ALA A 163 -13.03 -31.07 -14.57
N PRO A 164 -12.80 -30.33 -13.46
CA PRO A 164 -11.81 -29.24 -13.44
C PRO A 164 -10.46 -29.50 -14.09
N ALA A 165 -9.91 -30.68 -13.84
CA ALA A 165 -8.61 -31.07 -14.35
C ALA A 165 -8.58 -31.51 -15.83
N HIS A 166 -9.74 -31.80 -16.42
CA HIS A 166 -9.88 -32.11 -17.86
C HIS A 166 -9.76 -30.80 -18.71
N ASP A 167 -9.99 -30.88 -20.02
CA ASP A 167 -9.89 -29.70 -20.93
C ASP A 167 -10.78 -28.54 -20.45
N SER A 168 -10.30 -27.32 -20.66
CA SER A 168 -11.04 -26.12 -20.37
C SER A 168 -12.16 -25.91 -21.42
N LEU A 169 -13.09 -25.00 -21.14
CA LEU A 169 -14.22 -24.66 -22.02
C LEU A 169 -13.99 -23.26 -22.58
N ASP A 170 -14.49 -23.04 -23.80
CA ASP A 170 -14.40 -21.75 -24.47
C ASP A 170 -15.80 -21.13 -24.44
N LEU A 171 -15.93 -20.00 -23.75
CA LEU A 171 -17.17 -19.25 -23.71
C LEU A 171 -17.20 -18.03 -24.63
N ASN A 172 -16.11 -17.76 -25.37
CA ASN A 172 -16.06 -16.57 -26.26
C ASN A 172 -17.14 -16.54 -27.35
N SER A 173 -17.60 -17.71 -27.80
CA SER A 173 -18.71 -17.75 -28.75
C SER A 173 -20.08 -17.36 -28.12
N TYR A 174 -20.18 -17.26 -26.79
CA TYR A 174 -21.42 -16.84 -26.11
C TYR A 174 -21.43 -15.40 -25.62
N ILE A 175 -20.30 -14.69 -25.72
CA ILE A 175 -20.14 -13.33 -25.25
C ILE A 175 -20.24 -12.39 -26.45
N ASP A 176 -21.14 -11.41 -26.38
CA ASP A 176 -21.35 -10.47 -27.48
C ASP A 176 -20.42 -9.26 -27.49
N GLY A 177 -19.73 -9.03 -26.38
CA GLY A 177 -18.82 -7.90 -26.30
C GLY A 177 -18.15 -7.77 -24.95
N TYR A 178 -17.13 -6.96 -24.92
CA TYR A 178 -16.26 -6.76 -23.77
C TYR A 178 -15.99 -5.28 -23.65
N PHE A 179 -15.99 -4.79 -22.42
CA PHE A 179 -15.67 -3.40 -22.12
C PHE A 179 -14.64 -3.34 -20.98
N ASP A 180 -13.73 -2.37 -21.07
CA ASP A 180 -12.74 -2.15 -20.01
C ASP A 180 -12.67 -0.65 -19.67
N ILE A 181 -11.76 -0.31 -18.78
CA ILE A 181 -11.55 1.09 -18.33
C ILE A 181 -11.14 1.96 -19.52
N ASN A 182 -10.31 1.43 -20.41
CA ASN A 182 -9.83 2.15 -21.60
C ASN A 182 -10.90 2.36 -22.64
N THR A 183 -11.75 1.36 -22.89
CA THR A 183 -12.82 1.53 -23.90
C THR A 183 -13.99 2.43 -23.43
N SER A 184 -14.26 2.42 -22.12
CA SER A 184 -15.48 3.00 -21.55
C SER A 184 -15.34 4.00 -20.42
N GLY A 185 -14.25 3.95 -19.66
CA GLY A 185 -14.02 4.85 -18.52
C GLY A 185 -14.05 4.06 -17.21
N LYS A 186 -13.95 4.79 -16.10
CA LYS A 186 -13.94 4.19 -14.75
C LYS A 186 -15.28 3.55 -14.39
N LYS A 187 -15.21 2.42 -13.69
CA LYS A 187 -16.41 1.63 -13.32
C LYS A 187 -17.39 2.30 -12.35
N THR A 188 -16.93 3.33 -11.63
CA THR A 188 -17.71 4.11 -10.66
C THR A 188 -18.26 5.46 -11.20
N GLU A 189 -18.07 5.74 -12.49
CA GLU A 189 -18.56 6.97 -13.14
C GLU A 189 -19.74 6.64 -14.08
N THR A 190 -20.85 7.35 -13.91
CA THR A 190 -22.07 7.19 -14.72
C THR A 190 -21.80 7.28 -16.25
N GLN A 191 -20.92 8.20 -16.65
CA GLN A 191 -20.54 8.44 -18.04
C GLN A 191 -20.06 7.19 -18.75
N SER A 192 -19.30 6.37 -18.03
CA SER A 192 -18.81 5.10 -18.51
C SER A 192 -19.97 4.21 -18.95
N TYR A 193 -21.07 4.20 -18.17
CA TYR A 193 -22.29 3.42 -18.52
C TYR A 193 -23.06 4.02 -19.71
N ALA A 194 -23.00 5.33 -19.87
CA ALA A 194 -23.56 6.00 -21.04
C ALA A 194 -22.76 5.57 -22.30
N ASN A 195 -21.43 5.47 -22.16
CA ASN A 195 -20.56 4.98 -23.23
C ASN A 195 -20.90 3.55 -23.62
N ILE A 196 -21.14 2.67 -22.65
CA ILE A 196 -21.52 1.26 -22.91
C ILE A 196 -22.90 1.15 -23.56
N LEU A 197 -23.87 1.95 -23.10
CA LEU A 197 -25.24 1.95 -23.72
C LEU A 197 -25.19 2.35 -25.19
N ARG A 198 -24.39 3.38 -25.51
CA ARG A 198 -24.13 3.80 -26.90
C ARG A 198 -23.62 2.62 -27.74
N ASP A 199 -22.60 1.92 -27.23
CA ASP A 199 -21.97 0.78 -27.95
C ASP A 199 -22.85 -0.48 -27.98
N ILE A 200 -23.63 -0.69 -26.92
CA ILE A 200 -24.60 -1.80 -26.85
C ILE A 200 -25.79 -1.54 -27.82
N GLY A 201 -26.29 -0.31 -27.87
CA GLY A 201 -27.46 0.02 -28.67
C GLY A 201 -28.63 -0.68 -27.98
N ALA A 202 -28.93 -0.23 -26.78
CA ALA A 202 -30.06 -0.76 -26.00
C ALA A 202 -30.57 0.33 -25.11
N LYS A 203 -31.88 0.36 -24.88
CA LYS A 203 -32.51 1.31 -23.97
C LYS A 203 -32.02 0.88 -22.59
N ALA A 204 -31.61 1.85 -21.76
CA ALA A 204 -31.14 1.58 -20.38
C ALA A 204 -32.07 0.65 -19.57
N SER A 205 -33.38 0.88 -19.70
CA SER A 205 -34.41 0.06 -19.02
C SER A 205 -34.39 -1.43 -19.42
N GLU A 206 -33.88 -1.74 -20.63
CA GLU A 206 -33.73 -3.11 -21.12
C GLU A 206 -32.42 -3.80 -20.67
N VAL A 207 -31.55 -3.11 -19.92
CA VAL A 207 -30.26 -3.67 -19.49
C VAL A 207 -30.27 -4.01 -17.99
N LEU A 208 -29.82 -5.21 -17.61
CA LEU A 208 -29.55 -5.54 -16.19
C LEU A 208 -28.01 -5.66 -16.00
N PHE A 209 -27.48 -4.88 -15.05
CA PHE A 209 -26.05 -4.90 -14.69
C PHE A 209 -25.86 -5.64 -13.34
N LEU A 210 -25.04 -6.68 -13.36
CA LEU A 210 -24.74 -7.50 -12.20
C LEU A 210 -23.28 -7.29 -11.78
N SER A 211 -23.10 -6.93 -10.51
CA SER A 211 -21.80 -6.69 -9.94
C SER A 211 -21.86 -6.87 -8.43
N ASP A 212 -20.72 -7.20 -7.82
CA ASP A 212 -20.57 -7.29 -6.38
C ASP A 212 -20.25 -5.95 -5.72
N ASN A 213 -19.92 -4.93 -6.52
CA ASN A 213 -19.55 -3.60 -6.03
C ASN A 213 -20.74 -2.63 -6.13
N PRO A 214 -21.34 -2.21 -4.97
CA PRO A 214 -22.47 -1.27 -4.99
C PRO A 214 -22.21 0.09 -5.66
N LEU A 215 -20.96 0.55 -5.62
CA LEU A 215 -20.54 1.80 -6.22
C LEU A 215 -20.60 1.74 -7.76
N GLU A 216 -20.37 0.56 -8.33
CA GLU A 216 -20.53 0.33 -9.75
C GLU A 216 -22.03 0.38 -10.09
N LEU A 217 -22.84 -0.31 -9.31
CA LEU A 217 -24.28 -0.37 -9.51
C LEU A 217 -24.92 1.02 -9.38
N ASP A 218 -24.45 1.82 -8.42
CA ASP A 218 -24.89 3.22 -8.24
C ASP A 218 -24.60 4.07 -9.49
N ALA A 219 -23.40 3.92 -10.06
CA ALA A 219 -23.00 4.66 -11.26
C ALA A 219 -23.92 4.30 -12.44
N ALA A 220 -24.17 3.00 -12.60
CA ALA A 220 -25.05 2.44 -13.64
C ALA A 220 -26.47 2.95 -13.52
N ALA A 221 -27.00 2.96 -12.29
CA ALA A 221 -28.34 3.45 -11.99
C ALA A 221 -28.57 4.93 -12.34
N GLY A 222 -27.49 5.72 -12.43
CA GLY A 222 -27.57 7.13 -12.84
C GLY A 222 -28.04 7.37 -14.29
N VAL A 223 -27.86 6.36 -15.15
CA VAL A 223 -28.35 6.37 -16.53
C VAL A 223 -29.52 5.38 -16.77
N GLY A 224 -30.17 4.92 -15.70
CA GLY A 224 -31.37 4.11 -15.77
C GLY A 224 -31.25 2.61 -15.97
N ILE A 225 -30.02 2.10 -15.90
CA ILE A 225 -29.76 0.68 -16.06
C ILE A 225 -30.21 -0.05 -14.77
N ALA A 226 -30.95 -1.16 -14.92
CA ALA A 226 -31.36 -2.01 -13.78
C ALA A 226 -30.10 -2.68 -13.19
N THR A 227 -30.11 -2.90 -11.89
CA THR A 227 -28.96 -3.35 -11.14
C THR A 227 -29.32 -4.55 -10.28
N GLY A 228 -28.32 -5.39 -10.04
CA GLY A 228 -28.45 -6.56 -9.16
C GLY A 228 -27.12 -6.77 -8.45
N LEU A 229 -27.16 -6.97 -7.12
CA LEU A 229 -25.94 -7.15 -6.31
C LEU A 229 -25.58 -8.62 -6.24
N ALA A 230 -24.45 -8.99 -6.87
CA ALA A 230 -23.98 -10.37 -6.86
C ALA A 230 -23.32 -10.67 -5.50
N SER A 231 -23.72 -11.80 -4.90
CA SER A 231 -23.16 -12.27 -3.66
C SER A 231 -22.61 -13.66 -3.88
N ARG A 232 -21.31 -13.85 -3.64
CA ARG A 232 -20.64 -15.12 -3.83
C ARG A 232 -19.75 -15.39 -2.63
N PRO A 233 -19.46 -16.68 -2.34
CA PRO A 233 -18.53 -17.03 -1.23
C PRO A 233 -17.18 -16.34 -1.42
N GLY A 234 -16.68 -15.71 -0.37
CA GLY A 234 -15.41 -14.96 -0.44
C GLY A 234 -15.56 -13.47 -0.73
N ASN A 235 -16.75 -12.99 -1.12
CA ASN A 235 -16.97 -11.52 -1.33
C ASN A 235 -17.08 -10.82 0.03
N ALA A 236 -16.91 -9.50 0.02
CA ALA A 236 -17.12 -8.69 1.23
C ALA A 236 -18.61 -8.84 1.66
N PRO A 237 -18.89 -8.82 2.98
CA PRO A 237 -20.29 -9.02 3.38
C PRO A 237 -21.28 -7.94 2.88
N VAL A 238 -22.53 -8.36 2.71
CA VAL A 238 -23.62 -7.47 2.31
C VAL A 238 -24.21 -6.89 3.61
N PRO A 239 -24.17 -5.53 3.79
CA PRO A 239 -24.82 -4.95 4.99
C PRO A 239 -26.34 -5.21 5.02
N ASP A 240 -26.88 -5.52 6.21
CA ASP A 240 -28.32 -5.76 6.42
C ASP A 240 -29.23 -4.65 5.86
N GLY A 241 -28.80 -3.40 6.03
CA GLY A 241 -29.52 -2.22 5.51
C GLY A 241 -28.91 -1.77 4.20
N GLN A 242 -29.39 -2.34 3.08
CA GLN A 242 -28.91 -1.96 1.73
C GLN A 242 -30.01 -2.08 0.63
N LYS A 243 -29.99 -1.12 -0.28
CA LYS A 243 -31.04 -0.94 -1.30
C LYS A 243 -31.15 -1.93 -2.47
N TYR A 244 -30.09 -2.65 -2.77
CA TYR A 244 -30.07 -3.55 -3.95
C TYR A 244 -30.63 -4.93 -3.76
N GLN A 245 -31.24 -5.46 -4.83
CA GLN A 245 -31.67 -6.84 -4.82
C GLN A 245 -30.39 -7.69 -4.89
N VAL A 246 -30.30 -8.71 -4.03
CA VAL A 246 -29.13 -9.58 -3.93
C VAL A 246 -29.35 -10.88 -4.69
N TYR A 247 -28.38 -11.27 -5.53
CA TYR A 247 -28.39 -12.54 -6.24
C TYR A 247 -27.20 -13.40 -5.77
N LYS A 248 -27.51 -14.57 -5.20
CA LYS A 248 -26.50 -15.53 -4.75
C LYS A 248 -26.03 -16.40 -5.93
N ASN A 249 -26.88 -16.49 -6.95
CA ASN A 249 -26.57 -17.21 -8.19
C ASN A 249 -27.50 -16.70 -9.29
N PHE A 250 -27.22 -17.11 -10.54
CA PHE A 250 -28.02 -16.64 -11.68
C PHE A 250 -29.08 -17.59 -12.23
N GLU A 251 -29.38 -18.68 -11.52
CA GLU A 251 -30.41 -19.66 -11.93
C GLU A 251 -31.78 -19.06 -12.20
N THR A 252 -32.21 -18.10 -11.38
CA THR A 252 -33.56 -17.49 -11.52
C THR A 252 -33.67 -16.39 -12.58
N LEU A 253 -32.55 -15.89 -13.11
CA LEU A 253 -32.56 -14.79 -14.09
C LEU A 253 -32.86 -15.20 -15.54
N ASN B 30 18.68 -28.59 12.09
CA ASN B 30 17.28 -28.90 11.65
C ASN B 30 16.47 -29.71 12.67
N TYR B 31 15.15 -29.60 12.53
CA TYR B 31 14.21 -30.38 13.33
C TYR B 31 14.20 -31.74 12.67
N SER B 32 13.85 -32.73 13.46
CA SER B 32 13.87 -34.11 13.03
C SER B 32 12.47 -34.63 12.61
N THR B 33 11.40 -33.91 12.99
CA THR B 33 10.00 -34.25 12.68
C THR B 33 9.23 -32.96 12.33
N TYR B 34 8.35 -33.07 11.33
CA TYR B 34 7.55 -31.95 10.81
C TYR B 34 6.07 -32.29 10.80
N LEU B 35 5.27 -31.38 11.36
CA LEU B 35 3.82 -31.51 11.42
C LEU B 35 3.24 -30.40 10.53
N LEU B 36 2.35 -30.77 9.63
CA LEU B 36 1.81 -29.86 8.63
C LEU B 36 0.30 -29.72 8.55
N ASP B 37 -0.12 -28.46 8.57
CA ASP B 37 -1.47 -28.05 8.23
C ASP B 37 -1.57 -28.15 6.69
N ILE B 38 -2.79 -28.29 6.14
CA ILE B 38 -3.03 -28.37 4.71
C ILE B 38 -3.40 -27.02 4.07
N GLU B 39 -4.66 -26.59 4.17
CA GLU B 39 -5.15 -25.34 3.47
C GLU B 39 -4.44 -24.09 4.00
N GLY B 40 -3.97 -23.27 3.07
CA GLY B 40 -3.19 -22.08 3.35
C GLY B 40 -1.75 -22.33 3.80
N THR B 41 -1.30 -23.59 3.80
CA THR B 41 0.02 -24.01 4.25
C THR B 41 0.69 -24.76 3.12
N VAL B 42 0.15 -25.92 2.71
CA VAL B 42 0.70 -26.69 1.54
C VAL B 42 -0.07 -26.51 0.22
N CYS B 43 -1.31 -26.05 0.27
CA CYS B 43 -2.02 -25.68 -0.95
C CYS B 43 -2.92 -24.43 -0.72
N PRO B 44 -3.39 -23.81 -1.83
CA PRO B 44 -4.28 -22.66 -1.73
C PRO B 44 -5.41 -22.82 -0.73
N ILE B 45 -5.59 -21.77 0.06
CA ILE B 45 -6.59 -21.75 1.13
C ILE B 45 -8.05 -22.01 0.65
N SER B 46 -8.38 -21.66 -0.60
CA SER B 46 -9.75 -21.85 -1.14
C SER B 46 -10.03 -23.18 -1.88
N PHE B 47 -9.02 -24.06 -1.99
CA PHE B 47 -9.13 -25.31 -2.76
C PHE B 47 -10.32 -26.17 -2.39
N VAL B 48 -10.46 -26.47 -1.11
CA VAL B 48 -11.57 -27.29 -0.64
C VAL B 48 -12.91 -26.58 -0.79
N LYS B 49 -12.99 -25.36 -0.28
CA LYS B 49 -14.26 -24.62 -0.26
C LYS B 49 -14.76 -24.24 -1.65
N GLU B 50 -13.84 -23.83 -2.54
CA GLU B 50 -14.16 -23.31 -3.89
C GLU B 50 -13.93 -24.27 -5.08
N THR B 51 -13.24 -25.40 -4.88
CA THR B 51 -13.05 -26.37 -5.97
C THR B 51 -13.73 -27.67 -5.58
N LEU B 52 -13.32 -28.28 -4.47
CA LEU B 52 -13.94 -29.56 -4.04
C LEU B 52 -15.40 -29.49 -3.73
N PHE B 53 -15.83 -28.57 -2.87
CA PHE B 53 -17.29 -28.50 -2.56
C PHE B 53 -18.18 -28.27 -3.79
N PRO B 54 -17.91 -27.23 -4.60
CA PRO B 54 -18.66 -27.03 -5.85
C PRO B 54 -18.60 -28.24 -6.81
N TYR B 55 -17.48 -28.92 -6.88
CA TYR B 55 -17.35 -30.15 -7.66
C TYR B 55 -18.43 -31.17 -7.24
N PHE B 56 -18.61 -31.37 -5.94
CA PHE B 56 -19.66 -32.27 -5.44
C PHE B 56 -21.08 -31.77 -5.80
N THR B 57 -21.38 -30.52 -5.42
CA THR B 57 -22.73 -29.95 -5.64
C THR B 57 -23.10 -29.91 -7.15
N ASN B 58 -22.14 -29.58 -8.00
CA ASN B 58 -22.39 -29.62 -9.45
C ASN B 58 -22.64 -31.06 -9.98
N LYS B 59 -22.08 -32.12 -9.36
CA LYS B 59 -22.35 -33.53 -9.74
C LYS B 59 -23.70 -34.08 -9.33
N VAL B 60 -24.27 -33.57 -8.25
CA VAL B 60 -25.50 -34.14 -7.65
C VAL B 60 -26.65 -34.42 -8.65
N PRO B 61 -27.00 -33.41 -9.48
CA PRO B 61 -28.06 -33.60 -10.48
C PRO B 61 -27.89 -34.83 -11.38
N GLN B 62 -26.71 -35.02 -11.96
CA GLN B 62 -26.48 -36.18 -12.85
C GLN B 62 -26.44 -37.50 -12.09
N LEU B 63 -25.89 -37.51 -10.87
CA LEU B 63 -25.84 -38.74 -10.08
C LEU B 63 -27.26 -39.20 -9.69
N VAL B 64 -28.13 -38.24 -9.36
CA VAL B 64 -29.51 -38.52 -9.01
C VAL B 64 -30.33 -38.86 -10.28
N GLN B 65 -30.25 -38.00 -11.30
CA GLN B 65 -31.08 -38.17 -12.51
C GLN B 65 -30.73 -39.39 -13.35
N GLN B 66 -29.45 -39.75 -13.41
CA GLN B 66 -28.98 -40.91 -14.21
C GLN B 66 -28.80 -42.16 -13.34
N ASP B 67 -29.38 -42.17 -12.14
CA ASP B 67 -29.23 -43.28 -11.19
C ASP B 67 -30.07 -44.49 -11.58
N THR B 68 -29.41 -45.63 -11.64
CA THR B 68 -30.03 -46.94 -11.84
C THR B 68 -29.25 -47.86 -10.88
N ARG B 69 -29.69 -49.12 -10.77
CA ARG B 69 -28.99 -50.17 -10.00
C ARG B 69 -27.50 -50.41 -10.40
N ASP B 70 -27.14 -50.13 -11.67
CA ASP B 70 -25.77 -50.29 -12.17
C ASP B 70 -24.76 -49.23 -11.71
N SER B 71 -25.26 -48.13 -11.16
CA SER B 71 -24.42 -47.06 -10.64
C SER B 71 -23.68 -47.48 -9.36
N PRO B 72 -22.40 -47.12 -9.21
CA PRO B 72 -21.72 -47.35 -7.92
C PRO B 72 -22.31 -46.51 -6.76
N VAL B 73 -23.00 -45.40 -7.08
CA VAL B 73 -23.67 -44.56 -6.07
C VAL B 73 -25.10 -44.96 -5.75
N SER B 74 -25.72 -45.82 -6.56
CA SER B 74 -27.09 -46.32 -6.34
C SER B 74 -27.32 -46.86 -4.93
N ASN B 75 -26.38 -47.68 -4.48
CA ASN B 75 -26.39 -48.25 -3.12
C ASN B 75 -26.30 -47.17 -2.03
N ILE B 76 -25.47 -46.13 -2.23
CA ILE B 76 -25.36 -45.02 -1.31
C ILE B 76 -26.66 -44.16 -1.33
N LEU B 77 -27.08 -43.77 -2.53
CA LEU B 77 -28.30 -42.97 -2.75
C LEU B 77 -29.57 -43.57 -2.18
N SER B 78 -29.70 -44.88 -2.23
CA SER B 78 -30.87 -45.58 -1.69
C SER B 78 -31.04 -45.40 -0.17
N GLN B 79 -29.92 -45.15 0.54
CA GLN B 79 -29.93 -44.95 2.01
C GLN B 79 -30.51 -43.60 2.43
N PHE B 80 -30.79 -42.71 1.47
CA PHE B 80 -31.55 -41.51 1.74
C PHE B 80 -33.06 -41.81 1.88
N HIS B 81 -33.52 -42.94 1.34
CA HIS B 81 -34.92 -43.39 1.38
C HIS B 81 -35.92 -42.44 0.71
N ILE B 82 -35.48 -41.75 -0.34
CA ILE B 82 -36.31 -40.84 -1.13
C ILE B 82 -36.31 -41.35 -2.57
N ASP B 83 -37.47 -41.80 -3.05
CA ASP B 83 -37.63 -42.35 -4.40
C ASP B 83 -37.94 -41.33 -5.47
N ASN B 84 -38.57 -40.20 -5.13
CA ASN B 84 -38.83 -39.14 -6.11
C ASN B 84 -37.48 -38.50 -6.35
N LYS B 85 -37.00 -38.60 -7.58
CA LYS B 85 -35.70 -38.08 -7.97
C LYS B 85 -35.57 -36.58 -7.82
N GLU B 86 -36.62 -35.86 -8.19
CA GLU B 86 -36.65 -34.40 -8.08
C GLU B 86 -36.59 -33.98 -6.58
N GLN B 87 -37.26 -34.75 -5.72
CA GLN B 87 -37.23 -34.56 -4.25
C GLN B 87 -35.87 -34.95 -3.65
N LEU B 88 -35.25 -36.00 -4.16
CA LEU B 88 -33.94 -36.48 -3.66
C LEU B 88 -32.82 -35.48 -3.94
N GLN B 89 -32.78 -34.96 -5.16
CA GLN B 89 -31.80 -33.94 -5.58
C GLN B 89 -31.85 -32.70 -4.68
N ALA B 90 -33.06 -32.16 -4.50
CA ALA B 90 -33.32 -30.97 -3.66
C ALA B 90 -32.96 -31.23 -2.20
N HIS B 91 -33.17 -32.45 -1.72
CA HIS B 91 -32.86 -32.81 -0.33
C HIS B 91 -31.35 -32.83 -0.13
N ILE B 92 -30.61 -33.46 -1.05
CA ILE B 92 -29.13 -33.53 -0.99
C ILE B 92 -28.51 -32.13 -0.98
N LEU B 93 -29.01 -31.27 -1.85
CA LEU B 93 -28.55 -29.88 -1.95
C LEU B 93 -28.96 -29.03 -0.73
N GLU B 94 -30.10 -29.36 -0.12
CA GLU B 94 -30.57 -28.70 1.11
C GLU B 94 -29.65 -29.04 2.30
N LEU B 95 -29.20 -30.30 2.37
CA LEU B 95 -28.28 -30.75 3.42
C LEU B 95 -26.97 -29.97 3.34
N VAL B 96 -26.42 -29.87 2.13
CA VAL B 96 -25.20 -29.10 1.88
C VAL B 96 -25.41 -27.61 2.24
N ALA B 97 -26.45 -27.01 1.67
CA ALA B 97 -26.80 -25.58 1.89
C ALA B 97 -27.03 -25.21 3.37
N LYS B 98 -27.82 -26.03 4.07
CA LYS B 98 -28.09 -25.84 5.52
C LYS B 98 -26.99 -26.40 6.45
N ASP B 99 -25.90 -26.94 5.92
CA ASP B 99 -24.73 -27.43 6.69
C ASP B 99 -25.15 -28.51 7.72
N VAL B 100 -25.80 -29.54 7.22
CA VAL B 100 -26.26 -30.66 8.06
C VAL B 100 -25.30 -31.83 7.89
N LYS B 101 -24.76 -32.32 9.00
CA LYS B 101 -23.89 -33.50 8.99
C LYS B 101 -24.78 -34.74 8.94
N ASP B 102 -24.87 -35.36 7.77
CA ASP B 102 -25.63 -36.59 7.53
C ASP B 102 -24.59 -37.62 7.12
N PRO B 103 -24.58 -38.81 7.75
CA PRO B 103 -23.56 -39.81 7.38
C PRO B 103 -23.69 -40.34 5.95
N ILE B 104 -24.90 -40.33 5.39
CA ILE B 104 -25.14 -40.77 4.02
C ILE B 104 -24.60 -39.71 3.04
N LEU B 105 -24.72 -38.42 3.36
CA LEU B 105 -24.12 -37.31 2.58
C LEU B 105 -22.60 -37.41 2.56
N LYS B 106 -22.01 -37.59 3.75
CA LYS B 106 -20.55 -37.81 3.89
C LYS B 106 -20.06 -38.99 3.05
N GLN B 107 -20.84 -40.05 3.05
CA GLN B 107 -20.53 -41.24 2.27
C GLN B 107 -20.57 -40.94 0.76
N LEU B 108 -21.57 -40.17 0.32
CA LEU B 108 -21.72 -39.81 -1.11
C LEU B 108 -20.61 -38.84 -1.56
N GLN B 109 -20.37 -37.83 -0.73
CA GLN B 109 -19.27 -36.88 -0.95
C GLN B 109 -17.93 -37.62 -1.06
N GLY B 110 -17.69 -38.53 -0.11
CA GLY B 110 -16.50 -39.39 -0.10
C GLY B 110 -16.32 -40.17 -1.40
N TYR B 111 -17.41 -40.77 -1.90
CA TYR B 111 -17.37 -41.47 -3.18
C TYR B 111 -17.05 -40.51 -4.34
N VAL B 112 -17.75 -39.38 -4.38
CA VAL B 112 -17.58 -38.38 -5.45
C VAL B 112 -16.13 -37.84 -5.53
N TRP B 113 -15.57 -37.48 -4.39
CA TRP B 113 -14.17 -37.00 -4.33
C TRP B 113 -13.16 -38.12 -4.69
N ALA B 114 -13.33 -39.29 -4.07
CA ALA B 114 -12.47 -40.44 -4.37
C ALA B 114 -12.45 -40.69 -5.88
N HIS B 115 -13.64 -40.85 -6.47
CA HIS B 115 -13.78 -41.08 -7.91
C HIS B 115 -13.25 -39.90 -8.77
N GLY B 116 -13.52 -38.66 -8.34
CA GLY B 116 -12.98 -37.44 -9.04
C GLY B 116 -11.45 -37.47 -9.15
N TYR B 117 -10.80 -37.77 -8.03
CA TYR B 117 -9.32 -37.87 -8.01
C TYR B 117 -8.80 -39.06 -8.82
N GLU B 118 -9.35 -40.25 -8.59
CA GLU B 118 -8.84 -41.47 -9.28
C GLU B 118 -9.11 -41.51 -10.78
N SER B 119 -10.19 -40.87 -11.23
CA SER B 119 -10.50 -40.76 -12.66
C SER B 119 -9.79 -39.59 -13.38
N GLY B 120 -9.01 -38.78 -12.66
CA GLY B 120 -8.29 -37.65 -13.22
C GLY B 120 -9.11 -36.38 -13.40
N GLN B 121 -10.33 -36.34 -12.83
CA GLN B 121 -11.20 -35.15 -12.99
C GLN B 121 -10.86 -33.98 -12.08
N ILE B 122 -10.15 -34.28 -10.98
CA ILE B 122 -9.62 -33.28 -10.05
C ILE B 122 -8.20 -33.70 -9.61
N LYS B 123 -7.37 -32.69 -9.34
CA LYS B 123 -5.98 -32.88 -8.87
C LYS B 123 -5.75 -31.79 -7.82
N ALA B 124 -4.84 -32.06 -6.89
CA ALA B 124 -4.59 -31.18 -5.76
C ALA B 124 -3.48 -30.20 -6.10
N PRO B 125 -3.76 -28.87 -6.02
CA PRO B 125 -2.75 -27.85 -6.32
C PRO B 125 -1.77 -27.61 -5.15
N VAL B 126 -0.98 -28.63 -4.81
CA VAL B 126 0.03 -28.49 -3.76
C VAL B 126 1.18 -27.65 -4.36
N TYR B 127 1.61 -26.62 -3.63
CA TYR B 127 2.72 -25.75 -4.11
C TYR B 127 3.99 -26.57 -4.29
N ALA B 128 4.79 -26.18 -5.28
CA ALA B 128 6.02 -26.86 -5.64
C ALA B 128 7.04 -26.97 -4.53
N ASP B 129 7.26 -25.87 -3.80
CA ASP B 129 8.20 -25.85 -2.68
C ASP B 129 7.72 -26.78 -1.56
N ALA B 130 6.39 -26.93 -1.41
CA ALA B 130 5.81 -27.86 -0.44
C ALA B 130 6.01 -29.32 -0.92
N ILE B 131 5.92 -29.57 -2.24
CA ILE B 131 6.17 -30.92 -2.81
C ILE B 131 7.63 -31.28 -2.51
N ASP B 132 8.56 -30.37 -2.84
CA ASP B 132 10.00 -30.56 -2.57
C ASP B 132 10.33 -30.80 -1.09
N PHE B 133 9.65 -30.10 -0.20
CA PHE B 133 9.84 -30.20 1.25
C PHE B 133 9.40 -31.59 1.77
N ILE B 134 8.18 -31.98 1.43
CA ILE B 134 7.64 -33.31 1.74
C ILE B 134 8.54 -34.46 1.22
N LYS B 135 9.13 -34.27 0.03
CA LYS B 135 10.02 -35.26 -0.57
C LYS B 135 11.43 -35.36 0.05
N ARG B 136 11.87 -34.38 0.84
CA ARG B 136 13.24 -34.37 1.41
C ARG B 136 13.36 -34.48 2.96
N LYS B 137 12.24 -34.69 3.67
CA LYS B 137 12.22 -34.83 5.14
C LYS B 137 11.98 -36.27 5.59
N LYS B 138 12.70 -36.68 6.63
CA LYS B 138 12.59 -38.06 7.15
C LYS B 138 11.22 -38.37 7.74
N ARG B 139 10.64 -37.42 8.46
CA ARG B 139 9.34 -37.59 9.15
C ARG B 139 8.40 -36.43 8.91
N VAL B 140 7.38 -36.70 8.09
CA VAL B 140 6.34 -35.74 7.72
C VAL B 140 4.97 -36.30 8.16
N PHE B 141 4.29 -35.55 9.02
CA PHE B 141 2.95 -35.88 9.54
C PHE B 141 1.98 -34.77 9.21
N ILE B 142 0.79 -35.15 8.75
CA ILE B 142 -0.25 -34.18 8.37
C ILE B 142 -1.29 -34.05 9.49
N TYR B 143 -1.73 -32.82 9.74
CA TYR B 143 -2.81 -32.55 10.71
C TYR B 143 -3.78 -31.56 10.09
N SER B 144 -4.98 -32.05 9.77
CA SER B 144 -6.04 -31.28 9.10
C SER B 144 -7.42 -31.55 9.66
N SER B 145 -8.37 -30.64 9.42
CA SER B 145 -9.79 -30.85 9.80
C SER B 145 -10.45 -31.86 8.84
N GLY B 146 -9.96 -31.93 7.59
CA GLY B 146 -10.41 -32.95 6.63
C GLY B 146 -10.07 -34.33 7.16
N SER B 147 -10.88 -35.33 6.79
CA SER B 147 -10.70 -36.69 7.28
C SER B 147 -9.38 -37.25 6.75
N VAL B 148 -8.79 -38.15 7.52
CA VAL B 148 -7.56 -38.88 7.13
C VAL B 148 -7.71 -39.48 5.70
N LYS B 149 -8.89 -40.02 5.38
CA LYS B 149 -9.23 -40.57 4.05
C LYS B 149 -9.08 -39.49 2.94
N ALA B 150 -9.63 -38.31 3.20
CA ALA B 150 -9.58 -37.19 2.26
C ALA B 150 -8.14 -36.66 2.11
N GLN B 151 -7.37 -36.68 3.20
CA GLN B 151 -5.95 -36.26 3.17
C GLN B 151 -5.12 -37.18 2.27
N LYS B 152 -5.33 -38.50 2.39
CA LYS B 152 -4.65 -39.50 1.53
C LYS B 152 -4.95 -39.31 0.04
N LEU B 153 -6.23 -39.08 -0.28
CA LEU B 153 -6.65 -38.74 -1.63
C LEU B 153 -5.96 -37.47 -2.10
N LEU B 154 -5.99 -36.41 -1.29
CA LEU B 154 -5.33 -35.13 -1.67
C LEU B 154 -3.85 -35.33 -2.05
N PHE B 155 -3.09 -36.01 -1.19
CA PHE B 155 -1.64 -36.26 -1.44
C PHE B 155 -1.34 -37.39 -2.42
N GLY B 156 -2.35 -38.19 -2.77
CA GLY B 156 -2.20 -39.27 -3.74
C GLY B 156 -2.34 -38.83 -5.18
N TYR B 157 -2.96 -37.66 -5.38
CA TYR B 157 -3.32 -37.12 -6.71
C TYR B 157 -3.00 -35.61 -6.78
N VAL B 158 -1.72 -35.31 -6.62
CA VAL B 158 -1.18 -33.96 -6.61
C VAL B 158 -0.84 -33.50 -8.04
N GLN B 159 -1.32 -32.32 -8.40
CA GLN B 159 -1.01 -31.69 -9.70
C GLN B 159 0.50 -31.51 -9.86
N ASP B 160 1.05 -31.98 -10.98
CA ASP B 160 2.49 -31.88 -11.24
C ASP B 160 2.79 -30.43 -11.60
N PRO B 161 3.56 -29.67 -10.77
CA PRO B 161 3.88 -28.26 -11.12
C PRO B 161 4.60 -28.08 -12.46
N ASN B 162 5.42 -29.06 -12.87
CA ASN B 162 6.13 -29.03 -14.15
C ASN B 162 5.27 -29.47 -15.35
N ALA B 163 4.26 -30.32 -15.11
CA ALA B 163 3.35 -30.81 -16.17
C ALA B 163 1.91 -30.97 -15.66
N PRO B 164 1.25 -29.83 -15.30
CA PRO B 164 -0.11 -29.89 -14.70
C PRO B 164 -1.19 -30.64 -15.47
N ALA B 165 -1.16 -30.54 -16.79
CA ALA B 165 -2.11 -31.25 -17.68
C ALA B 165 -1.77 -32.73 -17.89
N HIS B 166 -0.64 -33.20 -17.36
CA HIS B 166 -0.18 -34.60 -17.49
C HIS B 166 -0.51 -35.30 -16.17
N ASP B 167 0.05 -36.50 -15.95
CA ASP B 167 -0.25 -37.30 -14.75
C ASP B 167 0.02 -36.58 -13.43
N SER B 168 -0.80 -36.87 -12.43
CA SER B 168 -0.61 -36.37 -11.08
C SER B 168 0.52 -37.16 -10.38
N LEU B 169 0.95 -36.64 -9.23
CA LEU B 169 2.02 -37.19 -8.40
C LEU B 169 1.43 -37.78 -7.13
N ASP B 170 1.93 -38.96 -6.75
CA ASP B 170 1.54 -39.62 -5.52
C ASP B 170 2.64 -39.30 -4.49
N LEU B 171 2.29 -38.55 -3.44
CA LEU B 171 3.26 -38.21 -2.36
C LEU B 171 3.02 -39.00 -1.08
N ASN B 172 2.11 -39.99 -1.09
CA ASN B 172 1.79 -40.76 0.12
C ASN B 172 2.96 -41.57 0.65
N SER B 173 3.87 -42.02 -0.21
CA SER B 173 5.06 -42.77 0.25
C SER B 173 6.01 -41.86 1.02
N TYR B 174 5.88 -40.54 0.86
CA TYR B 174 6.68 -39.60 1.62
C TYR B 174 6.07 -39.13 2.94
N ILE B 175 4.81 -39.47 3.20
CA ILE B 175 4.06 -39.03 4.38
C ILE B 175 4.00 -40.22 5.34
N ASP B 176 4.38 -39.97 6.59
CA ASP B 176 4.50 -41.00 7.63
C ASP B 176 3.28 -41.19 8.49
N GLY B 177 2.32 -40.26 8.44
CA GLY B 177 1.11 -40.38 9.24
C GLY B 177 0.19 -39.20 9.02
N TYR B 178 -1.07 -39.40 9.38
CA TYR B 178 -2.16 -38.47 9.14
C TYR B 178 -2.99 -38.39 10.40
N PHE B 179 -3.40 -37.16 10.76
CA PHE B 179 -4.21 -36.91 11.95
C PHE B 179 -5.33 -35.96 11.58
N ASP B 180 -6.48 -36.18 12.21
CA ASP B 180 -7.68 -35.34 12.02
C ASP B 180 -8.34 -35.14 13.39
N ILE B 181 -9.51 -34.53 13.40
CA ILE B 181 -10.24 -34.21 14.63
C ILE B 181 -10.68 -35.47 15.41
N ASN B 182 -11.09 -36.51 14.69
CA ASN B 182 -11.46 -37.77 15.31
C ASN B 182 -10.29 -38.55 15.90
N THR B 183 -9.12 -38.51 15.24
CA THR B 183 -7.96 -39.25 15.74
C THR B 183 -7.28 -38.57 16.93
N SER B 184 -7.26 -37.23 16.91
CA SER B 184 -6.46 -36.44 17.85
C SER B 184 -7.18 -35.38 18.69
N GLY B 185 -8.24 -34.77 18.17
CA GLY B 185 -8.98 -33.72 18.85
C GLY B 185 -8.99 -32.44 18.04
N LYS B 186 -9.52 -31.36 18.62
CA LYS B 186 -9.63 -30.06 17.93
C LYS B 186 -8.27 -29.41 17.72
N LYS B 187 -8.11 -28.76 16.57
CA LYS B 187 -6.85 -28.15 16.16
C LYS B 187 -6.38 -26.97 17.02
N THR B 188 -7.30 -26.37 17.78
CA THR B 188 -6.99 -25.26 18.69
C THR B 188 -6.81 -25.69 20.18
N GLU B 189 -6.87 -26.99 20.48
CA GLU B 189 -6.71 -27.50 21.84
C GLU B 189 -5.31 -28.09 22.01
N THR B 190 -4.61 -27.67 23.05
CA THR B 190 -3.24 -28.13 23.36
C THR B 190 -3.16 -29.67 23.56
N GLN B 191 -4.21 -30.26 24.13
CA GLN B 191 -4.29 -31.72 24.37
C GLN B 191 -4.11 -32.51 23.07
N SER B 192 -4.71 -32.04 21.99
CA SER B 192 -4.59 -32.66 20.66
C SER B 192 -3.16 -32.82 20.17
N TYR B 193 -2.31 -31.85 20.49
CA TYR B 193 -0.90 -31.87 20.13
C TYR B 193 -0.17 -32.85 21.03
N ALA B 194 -0.54 -32.90 22.33
CA ALA B 194 0.01 -33.89 23.25
C ALA B 194 -0.34 -35.34 22.79
N ASN B 195 -1.54 -35.53 22.24
CA ASN B 195 -1.96 -36.84 21.69
C ASN B 195 -1.13 -37.21 20.44
N ILE B 196 -0.87 -36.24 19.56
CA ILE B 196 -0.05 -36.45 18.35
C ILE B 196 1.40 -36.80 18.75
N LEU B 197 1.99 -36.08 19.70
CA LEU B 197 3.34 -36.42 20.20
C LEU B 197 3.46 -37.85 20.78
N ARG B 198 2.39 -38.32 21.40
CA ARG B 198 2.28 -39.67 21.96
C ARG B 198 2.30 -40.72 20.81
N ASP B 199 1.45 -40.49 19.81
CA ASP B 199 1.27 -41.37 18.62
C ASP B 199 2.53 -41.51 17.75
N ILE B 200 3.21 -40.40 17.52
CA ILE B 200 4.45 -40.39 16.73
C ILE B 200 5.65 -40.77 17.61
N GLY B 201 5.52 -40.57 18.94
CA GLY B 201 6.60 -40.87 19.88
C GLY B 201 7.79 -39.93 19.88
N ALA B 202 7.54 -38.63 19.62
CA ALA B 202 8.60 -37.62 19.52
C ALA B 202 8.64 -36.68 20.75
N LYS B 203 9.80 -36.04 20.94
CA LYS B 203 9.98 -34.98 21.96
C LYS B 203 9.56 -33.68 21.26
N ALA B 204 8.74 -32.87 21.96
CA ALA B 204 8.15 -31.63 21.40
C ALA B 204 9.17 -30.66 20.82
N SER B 205 10.29 -30.48 21.52
CA SER B 205 11.43 -29.66 21.07
C SER B 205 11.98 -30.06 19.70
N GLU B 206 11.92 -31.36 19.37
CA GLU B 206 12.36 -31.88 18.04
C GLU B 206 11.32 -31.75 16.90
N VAL B 207 10.12 -31.27 17.19
CA VAL B 207 9.04 -31.13 16.22
C VAL B 207 8.81 -29.66 15.81
N LEU B 208 8.57 -29.43 14.51
CA LEU B 208 8.21 -28.14 13.94
C LEU B 208 6.80 -28.22 13.35
N PHE B 209 5.87 -27.39 13.84
CA PHE B 209 4.50 -27.34 13.30
C PHE B 209 4.34 -26.11 12.39
N LEU B 210 3.87 -26.34 11.17
CA LEU B 210 3.64 -25.26 10.18
C LEU B 210 2.17 -25.15 9.89
N SER B 211 1.63 -23.96 10.12
CA SER B 211 0.25 -23.66 9.89
C SER B 211 0.09 -22.18 9.56
N ASP B 212 -1.01 -21.84 8.90
CA ASP B 212 -1.38 -20.43 8.66
C ASP B 212 -2.30 -19.88 9.77
N ASN B 213 -2.76 -20.74 10.71
CA ASN B 213 -3.64 -20.32 11.79
C ASN B 213 -2.85 -20.13 13.11
N PRO B 214 -2.71 -18.86 13.60
CA PRO B 214 -1.98 -18.61 14.84
C PRO B 214 -2.55 -19.33 16.06
N LEU B 215 -3.86 -19.57 16.07
CA LEU B 215 -4.53 -20.27 17.18
C LEU B 215 -4.18 -21.76 17.24
N GLU B 216 -3.85 -22.36 16.11
CA GLU B 216 -3.38 -23.74 16.05
C GLU B 216 -1.94 -23.74 16.61
N LEU B 217 -1.15 -22.73 16.21
CA LEU B 217 0.23 -22.58 16.68
C LEU B 217 0.29 -22.34 18.17
N ASP B 218 -0.60 -21.48 18.69
CA ASP B 218 -0.68 -21.22 20.16
C ASP B 218 -0.90 -22.55 20.94
N ALA B 219 -1.83 -23.37 20.45
CA ALA B 219 -2.16 -24.69 21.02
C ALA B 219 -0.91 -25.59 21.03
N ALA B 220 -0.24 -25.70 19.88
CA ALA B 220 0.98 -26.51 19.74
C ALA B 220 2.11 -26.01 20.65
N ALA B 221 2.23 -24.69 20.79
CA ALA B 221 3.23 -24.07 21.69
C ALA B 221 3.03 -24.42 23.17
N GLY B 222 1.78 -24.69 23.57
CA GLY B 222 1.47 -25.12 24.95
C GLY B 222 2.05 -26.45 25.42
N VAL B 223 2.56 -27.27 24.49
CA VAL B 223 3.24 -28.54 24.79
C VAL B 223 4.72 -28.51 24.32
N GLY B 224 5.26 -27.32 24.02
CA GLY B 224 6.67 -27.14 23.61
C GLY B 224 7.06 -27.41 22.16
N ILE B 225 6.08 -27.60 21.28
CA ILE B 225 6.33 -27.84 19.84
C ILE B 225 6.74 -26.51 19.19
N ALA B 226 7.75 -26.56 18.33
CA ALA B 226 8.22 -25.37 17.59
C ALA B 226 7.17 -25.03 16.52
N THR B 227 7.00 -23.72 16.28
CA THR B 227 5.98 -23.19 15.37
C THR B 227 6.59 -22.28 14.26
N GLY B 228 5.90 -22.27 13.12
CA GLY B 228 6.23 -21.42 11.97
C GLY B 228 4.93 -21.02 11.30
N LEU B 229 4.72 -19.72 11.11
CA LEU B 229 3.50 -19.20 10.49
C LEU B 229 3.60 -19.22 8.95
N ALA B 230 2.79 -20.05 8.29
CA ALA B 230 2.79 -20.15 6.83
C ALA B 230 2.02 -18.97 6.23
N SER B 231 2.64 -18.29 5.27
CA SER B 231 2.07 -17.14 4.56
C SER B 231 2.03 -17.44 3.04
N ARG B 232 0.84 -17.76 2.53
CA ARG B 232 0.65 -18.15 1.13
C ARG B 232 -0.24 -17.13 0.44
N PRO B 233 -0.07 -16.94 -0.90
CA PRO B 233 -0.88 -15.96 -1.66
C PRO B 233 -2.36 -16.22 -1.52
N GLY B 234 -3.11 -15.18 -1.20
CA GLY B 234 -4.54 -15.30 -0.92
C GLY B 234 -4.91 -15.64 0.52
N ASN B 235 -3.92 -15.80 1.41
CA ASN B 235 -4.21 -16.02 2.85
C ASN B 235 -4.61 -14.69 3.50
N ALA B 236 -5.20 -14.82 4.70
CA ALA B 236 -5.52 -13.67 5.56
C ALA B 236 -4.21 -12.92 5.84
N PRO B 237 -4.24 -11.58 5.89
CA PRO B 237 -2.97 -10.86 6.08
C PRO B 237 -2.32 -11.16 7.45
N VAL B 238 -0.99 -11.22 7.46
CA VAL B 238 -0.23 -11.42 8.68
C VAL B 238 -0.06 -10.02 9.27
N PRO B 239 -0.59 -9.77 10.50
CA PRO B 239 -0.43 -8.42 11.10
C PRO B 239 1.03 -8.13 11.53
N ASP B 240 1.40 -6.85 11.54
CA ASP B 240 2.75 -6.43 11.97
C ASP B 240 2.92 -6.64 13.47
N GLY B 241 4.18 -6.89 13.87
CA GLY B 241 4.53 -7.12 15.27
C GLY B 241 4.03 -8.40 15.92
N GLN B 242 3.48 -9.33 15.12
CA GLN B 242 3.00 -10.62 15.65
C GLN B 242 4.21 -11.50 16.07
N LYS B 243 3.95 -12.45 16.96
CA LYS B 243 4.99 -13.26 17.61
C LYS B 243 5.71 -14.36 16.82
N TYR B 244 5.10 -14.85 15.74
CA TYR B 244 5.66 -15.98 14.98
C TYR B 244 6.60 -15.70 13.81
N GLN B 245 7.57 -16.61 13.60
CA GLN B 245 8.44 -16.61 12.42
C GLN B 245 7.52 -16.95 11.24
N VAL B 246 7.54 -16.09 10.22
CA VAL B 246 6.71 -16.22 9.05
C VAL B 246 7.52 -16.88 7.93
N TYR B 247 6.90 -17.86 7.27
CA TYR B 247 7.49 -18.53 6.11
C TYR B 247 6.54 -18.32 4.94
N LYS B 248 7.04 -17.70 3.87
CA LYS B 248 6.26 -17.53 2.63
C LYS B 248 6.37 -18.77 1.73
N ASN B 249 7.44 -19.54 1.91
CA ASN B 249 7.63 -20.83 1.26
C ASN B 249 8.50 -21.70 2.22
N PHE B 250 8.71 -22.97 1.89
CA PHE B 250 9.47 -23.89 2.76
C PHE B 250 10.91 -24.25 2.28
N GLU B 251 11.45 -23.49 1.32
CA GLU B 251 12.76 -23.83 0.73
C GLU B 251 13.98 -23.74 1.68
N THR B 252 13.87 -22.92 2.73
CA THR B 252 14.94 -22.80 3.75
C THR B 252 14.77 -23.81 4.92
N LEU B 253 13.60 -24.45 5.02
CA LEU B 253 13.32 -25.41 6.09
C LEU B 253 13.82 -26.80 5.79
N ASN C 30 43.07 14.94 11.32
CA ASN C 30 41.95 15.37 10.41
C ASN C 30 41.94 14.49 9.15
N TYR C 31 40.74 14.31 8.60
CA TYR C 31 40.50 13.43 7.45
C TYR C 31 40.71 14.15 6.12
N SER C 32 41.02 13.38 5.08
CA SER C 32 41.22 13.93 3.72
C SER C 32 40.02 13.78 2.78
N THR C 33 39.04 12.94 3.13
CA THR C 33 37.79 12.77 2.36
C THR C 33 36.60 12.75 3.32
N TYR C 34 35.48 13.34 2.88
CA TYR C 34 34.26 13.43 3.66
C TYR C 34 33.08 12.94 2.81
N LEU C 35 32.29 12.04 3.39
CA LEU C 35 31.10 11.50 2.73
C LEU C 35 29.92 12.06 3.54
N LEU C 36 28.99 12.70 2.83
CA LEU C 36 27.84 13.34 3.43
C LEU C 36 26.50 12.83 2.96
N ASP C 37 25.68 12.43 3.95
CA ASP C 37 24.24 12.23 3.80
C ASP C 37 23.61 13.64 3.60
N ILE C 38 22.44 13.70 2.95
CA ILE C 38 21.72 14.98 2.74
C ILE C 38 20.67 15.20 3.85
N GLU C 39 19.57 14.44 3.82
CA GLU C 39 18.40 14.64 4.70
C GLU C 39 18.69 14.37 6.16
N GLY C 40 18.51 15.38 7.01
CA GLY C 40 18.78 15.28 8.43
C GLY C 40 20.24 15.52 8.79
N THR C 41 21.07 15.81 7.78
CA THR C 41 22.53 15.98 7.91
C THR C 41 22.96 17.37 7.41
N VAL C 42 22.74 17.67 6.13
CA VAL C 42 23.02 19.01 5.59
C VAL C 42 21.75 19.85 5.37
N CYS C 43 20.59 19.20 5.27
CA CYS C 43 19.27 19.82 5.04
CA CYS C 43 19.33 19.93 5.16
C CYS C 43 18.30 19.30 6.08
N PRO C 44 17.18 20.06 6.35
CA PRO C 44 16.14 19.52 7.21
C PRO C 44 15.67 18.14 6.74
N ILE C 45 15.46 17.23 7.67
CA ILE C 45 15.07 15.85 7.35
C ILE C 45 13.82 15.70 6.43
N SER C 46 12.88 16.66 6.49
CA SER C 46 11.66 16.61 5.68
C SER C 46 11.67 17.43 4.38
N PHE C 47 12.75 18.15 4.06
CA PHE C 47 12.77 19.00 2.84
C PHE C 47 12.40 18.29 1.50
N VAL C 48 12.99 17.13 1.24
CA VAL C 48 12.73 16.39 0.00
C VAL C 48 11.29 15.84 0.00
N LYS C 49 10.92 15.10 1.05
CA LYS C 49 9.62 14.45 1.13
C LYS C 49 8.42 15.37 1.27
N GLU C 50 8.58 16.53 1.92
CA GLU C 50 7.46 17.48 2.14
C GLU C 50 7.50 18.78 1.34
N THR C 51 8.60 19.08 0.65
CA THR C 51 8.68 20.25 -0.25
C THR C 51 8.89 19.79 -1.71
N LEU C 52 9.96 19.07 -1.97
CA LEU C 52 10.25 18.63 -3.35
C LEU C 52 9.23 17.67 -3.98
N PHE C 53 8.82 16.62 -3.27
CA PHE C 53 7.83 15.65 -3.84
C PHE C 53 6.46 16.29 -4.06
N PRO C 54 5.88 16.96 -3.04
CA PRO C 54 4.65 17.74 -3.28
C PRO C 54 4.73 18.71 -4.45
N TYR C 55 5.85 19.44 -4.58
CA TYR C 55 6.09 20.34 -5.73
C TYR C 55 6.03 19.58 -7.08
N PHE C 56 6.59 18.36 -7.10
CA PHE C 56 6.55 17.53 -8.32
C PHE C 56 5.14 17.11 -8.65
N THR C 57 4.44 16.55 -7.65
CA THR C 57 3.07 16.05 -7.85
C THR C 57 2.07 17.17 -8.16
N ASN C 58 2.33 18.38 -7.67
CA ASN C 58 1.48 19.55 -7.98
C ASN C 58 1.60 19.99 -9.45
N LYS C 59 2.80 19.87 -10.05
CA LYS C 59 3.00 20.25 -11.47
C LYS C 59 2.52 19.22 -12.49
N VAL C 60 2.49 17.94 -12.08
CA VAL C 60 2.10 16.80 -12.94
C VAL C 60 0.82 17.00 -13.77
N PRO C 61 -0.33 17.38 -13.13
CA PRO C 61 -1.55 17.63 -13.91
C PRO C 61 -1.43 18.57 -15.12
N GLN C 62 -0.85 19.75 -14.92
CA GLN C 62 -0.69 20.76 -16.00
C GLN C 62 0.33 20.36 -17.05
N LEU C 63 1.40 19.65 -16.65
CA LEU C 63 2.38 19.14 -17.61
C LEU C 63 1.76 18.11 -18.52
N VAL C 64 0.99 17.19 -17.94
CA VAL C 64 0.31 16.17 -18.75
C VAL C 64 -0.81 16.78 -19.60
N GLN C 65 -1.66 17.61 -18.99
CA GLN C 65 -2.82 18.20 -19.68
C GLN C 65 -2.42 19.18 -20.79
N GLN C 66 -1.66 20.22 -20.46
CA GLN C 66 -1.23 21.25 -21.46
C GLN C 66 -0.04 20.74 -22.29
N ASP C 67 -0.29 19.67 -23.03
CA ASP C 67 0.70 18.96 -23.84
C ASP C 67 0.82 19.57 -25.24
N THR C 68 2.03 20.02 -25.58
CA THR C 68 2.35 20.44 -26.94
C THR C 68 2.90 19.16 -27.58
N ARG C 69 2.61 18.98 -28.88
CA ARG C 69 3.16 17.84 -29.63
C ARG C 69 4.66 18.10 -29.84
N ASP C 70 5.47 17.05 -29.66
CA ASP C 70 6.94 17.10 -29.88
C ASP C 70 7.75 18.04 -28.97
N SER C 71 7.20 18.42 -27.82
CA SER C 71 7.92 19.24 -26.84
C SER C 71 8.94 18.36 -26.10
N PRO C 72 9.96 18.96 -25.43
CA PRO C 72 10.91 18.17 -24.62
C PRO C 72 10.29 17.19 -23.62
N VAL C 73 9.32 17.67 -22.82
CA VAL C 73 8.65 16.84 -21.82
C VAL C 73 7.76 15.74 -22.43
N SER C 74 7.24 15.96 -23.66
CA SER C 74 6.40 14.98 -24.38
C SER C 74 7.17 13.69 -24.59
N ASN C 75 8.45 13.84 -24.96
CA ASN C 75 9.38 12.74 -25.15
C ASN C 75 9.56 11.89 -23.91
N ILE C 76 9.68 12.52 -22.73
CA ILE C 76 9.80 11.78 -21.46
C ILE C 76 8.47 11.07 -21.19
N LEU C 77 7.36 11.82 -21.28
CA LEU C 77 5.99 11.31 -21.05
C LEU C 77 5.56 10.15 -21.97
N SER C 78 6.01 10.15 -23.22
CA SER C 78 5.72 9.06 -24.14
C SER C 78 6.37 7.73 -23.68
N GLN C 79 7.47 7.78 -22.93
CA GLN C 79 8.12 6.56 -22.43
C GLN C 79 7.37 5.79 -21.32
N PHE C 80 6.24 6.32 -20.83
CA PHE C 80 5.33 5.56 -19.96
C PHE C 80 4.44 4.60 -20.75
N HIS C 81 4.29 4.86 -22.05
CA HIS C 81 3.49 4.08 -22.99
C HIS C 81 2.02 4.06 -22.61
N ILE C 82 1.52 5.21 -22.17
CA ILE C 82 0.12 5.41 -21.77
C ILE C 82 -0.40 6.53 -22.70
N ASP C 83 -1.38 6.19 -23.55
CA ASP C 83 -1.96 7.15 -24.50
C ASP C 83 -3.04 8.06 -23.90
N ASN C 84 -3.79 7.59 -22.90
CA ASN C 84 -4.82 8.41 -22.26
C ASN C 84 -4.20 9.32 -21.20
N LYS C 85 -4.39 10.63 -21.36
CA LYS C 85 -3.85 11.64 -20.43
C LYS C 85 -4.30 11.48 -18.97
N GLU C 86 -5.58 11.17 -18.73
CA GLU C 86 -6.10 10.87 -17.37
C GLU C 86 -5.41 9.63 -16.74
N GLN C 87 -5.27 8.57 -17.54
CA GLN C 87 -4.58 7.34 -17.14
C GLN C 87 -3.10 7.63 -16.83
N LEU C 88 -2.45 8.40 -17.69
CA LEU C 88 -1.04 8.78 -17.56
C LEU C 88 -0.78 9.55 -16.26
N GLN C 89 -1.59 10.59 -16.06
CA GLN C 89 -1.53 11.42 -14.88
C GLN C 89 -1.73 10.57 -13.62
N ALA C 90 -2.72 9.68 -13.65
CA ALA C 90 -3.02 8.79 -12.52
C ALA C 90 -1.85 7.84 -12.26
N HIS C 91 -1.24 7.29 -13.32
CA HIS C 91 -0.11 6.40 -13.16
C HIS C 91 1.12 7.10 -12.50
N ILE C 92 1.43 8.30 -12.96
CA ILE C 92 2.56 9.08 -12.40
C ILE C 92 2.35 9.36 -10.91
N LEU C 93 1.14 9.80 -10.55
CA LEU C 93 0.81 10.06 -9.14
C LEU C 93 0.77 8.79 -8.27
N GLU C 94 0.39 7.67 -8.88
CA GLU C 94 0.35 6.35 -8.21
C GLU C 94 1.76 5.87 -7.86
N LEU C 95 2.70 5.97 -8.82
CA LEU C 95 4.13 5.63 -8.63
C LEU C 95 4.72 6.41 -7.46
N VAL C 96 4.37 7.68 -7.37
CA VAL C 96 4.82 8.53 -6.26
C VAL C 96 4.15 8.11 -4.93
N ALA C 97 2.82 7.91 -4.94
CA ALA C 97 2.09 7.56 -3.71
C ALA C 97 2.48 6.21 -3.18
N LYS C 98 2.75 5.27 -4.09
CA LYS C 98 3.14 3.91 -3.70
C LYS C 98 4.65 3.72 -3.51
N ASP C 99 5.42 4.80 -3.63
CA ASP C 99 6.89 4.80 -3.44
C ASP C 99 7.58 3.80 -4.39
N VAL C 100 7.28 3.94 -5.68
CA VAL C 100 7.83 3.04 -6.69
C VAL C 100 8.89 3.78 -7.47
N LYS C 101 10.11 3.21 -7.45
CA LYS C 101 11.22 3.75 -8.21
C LYS C 101 11.03 3.28 -9.64
N ASP C 102 11.00 4.24 -10.57
CA ASP C 102 10.77 3.99 -12.00
C ASP C 102 11.73 4.87 -12.75
N PRO C 103 12.40 4.34 -13.80
CA PRO C 103 13.38 5.21 -14.51
C PRO C 103 12.80 6.40 -15.28
N ILE C 104 11.56 6.29 -15.76
CA ILE C 104 10.91 7.40 -16.53
C ILE C 104 10.43 8.47 -15.55
N LEU C 105 9.89 8.04 -14.42
CA LEU C 105 9.50 8.96 -13.36
C LEU C 105 10.69 9.79 -12.89
N LYS C 106 11.84 9.13 -12.69
CA LYS C 106 13.10 9.80 -12.29
C LYS C 106 13.45 10.92 -13.25
N GLN C 107 13.41 10.63 -14.57
CA GLN C 107 13.66 11.62 -15.61
C GLN C 107 12.68 12.78 -15.57
N LEU C 108 11.42 12.46 -15.36
CA LEU C 108 10.35 13.46 -15.28
C LEU C 108 10.53 14.36 -14.05
N GLN C 109 10.90 13.77 -12.92
CA GLN C 109 11.16 14.55 -11.67
C GLN C 109 12.35 15.46 -11.89
N GLY C 110 13.38 14.90 -12.52
CA GLY C 110 14.57 15.68 -12.88
C GLY C 110 14.24 16.88 -13.73
N TYR C 111 13.41 16.69 -14.75
CA TYR C 111 12.96 17.78 -15.63
C TYR C 111 12.20 18.89 -14.85
N VAL C 112 11.23 18.48 -14.02
CA VAL C 112 10.39 19.39 -13.22
C VAL C 112 11.25 20.20 -12.24
N TRP C 113 12.10 19.49 -11.49
CA TRP C 113 12.96 20.11 -10.49
C TRP C 113 14.00 21.02 -11.12
N ALA C 114 14.64 20.60 -12.22
CA ALA C 114 15.61 21.47 -12.93
C ALA C 114 14.92 22.79 -13.27
N HIS C 115 13.75 22.73 -13.89
CA HIS C 115 13.01 23.97 -14.25
C HIS C 115 12.53 24.79 -13.03
N GLY C 116 12.21 24.11 -11.93
CA GLY C 116 11.79 24.77 -10.68
C GLY C 116 12.94 25.56 -10.06
N TYR C 117 14.08 24.89 -9.93
CA TYR C 117 15.34 25.51 -9.47
C TYR C 117 15.78 26.66 -10.38
N GLU C 118 15.89 26.40 -11.69
CA GLU C 118 16.28 27.46 -12.67
C GLU C 118 15.37 28.70 -12.64
N SER C 119 14.05 28.51 -12.56
CA SER C 119 13.09 29.63 -12.47
C SER C 119 12.98 30.26 -11.05
N GLY C 120 13.74 29.78 -10.07
CA GLY C 120 13.64 30.31 -8.69
C GLY C 120 12.40 29.88 -7.91
N GLN C 121 11.61 28.93 -8.43
CA GLN C 121 10.39 28.45 -7.75
C GLN C 121 10.71 27.65 -6.50
N ILE C 122 11.87 26.97 -6.50
CA ILE C 122 12.40 26.20 -5.38
C ILE C 122 13.88 26.57 -5.12
N LYS C 123 14.25 26.52 -3.84
CA LYS C 123 15.59 26.74 -3.31
C LYS C 123 15.82 25.75 -2.17
N ALA C 124 17.01 25.16 -2.13
CA ALA C 124 17.35 24.15 -1.12
C ALA C 124 17.84 24.80 0.19
N PRO C 125 17.19 24.49 1.35
CA PRO C 125 17.62 25.00 2.67
C PRO C 125 18.75 24.17 3.30
N VAL C 126 20.00 24.50 2.97
CA VAL C 126 21.19 23.83 3.51
C VAL C 126 21.67 24.65 4.70
N TYR C 127 21.96 23.98 5.82
CA TYR C 127 22.39 24.67 7.02
C TYR C 127 23.68 25.48 6.73
N ALA C 128 23.75 26.69 7.31
CA ALA C 128 24.90 27.59 7.12
C ALA C 128 26.25 26.94 7.43
N ASP C 129 26.32 26.18 8.53
CA ASP C 129 27.54 25.49 8.92
C ASP C 129 27.90 24.34 7.96
N ALA C 130 26.90 23.71 7.32
CA ALA C 130 27.16 22.69 6.29
C ALA C 130 27.70 23.33 4.98
N ILE C 131 27.17 24.50 4.63
CA ILE C 131 27.66 25.32 3.48
C ILE C 131 29.13 25.63 3.72
N ASP C 132 29.43 26.24 4.87
CA ASP C 132 30.84 26.56 5.24
C ASP C 132 31.73 25.31 5.22
N PHE C 133 31.20 24.20 5.75
CA PHE C 133 31.92 22.92 5.78
C PHE C 133 32.30 22.47 4.34
N ILE C 134 31.29 22.36 3.48
CA ILE C 134 31.43 22.01 2.05
C ILE C 134 32.46 22.87 1.33
N LYS C 135 32.45 24.19 1.61
CA LYS C 135 33.40 25.14 1.00
C LYS C 135 34.88 25.11 1.49
N ARG C 136 35.16 24.31 2.52
CA ARG C 136 36.46 24.26 3.22
C ARG C 136 37.24 22.91 3.14
N LYS C 137 36.69 21.90 2.46
CA LYS C 137 37.28 20.56 2.34
C LYS C 137 37.72 20.23 0.92
N LYS C 138 38.88 19.58 0.80
CA LYS C 138 39.44 19.20 -0.49
C LYS C 138 38.55 18.19 -1.24
N ARG C 139 38.03 17.19 -0.52
CA ARG C 139 37.21 16.10 -1.09
C ARG C 139 35.88 15.93 -0.36
N VAL C 140 34.81 16.38 -1.01
CA VAL C 140 33.45 16.26 -0.52
C VAL C 140 32.66 15.39 -1.50
N PHE C 141 32.04 14.34 -0.97
CA PHE C 141 31.19 13.43 -1.73
C PHE C 141 29.84 13.29 -1.05
N ILE C 142 28.78 13.24 -1.85
CA ILE C 142 27.44 13.12 -1.35
C ILE C 142 26.91 11.70 -1.61
N TYR C 143 26.18 11.16 -0.63
CA TYR C 143 25.52 9.85 -0.74
C TYR C 143 24.08 9.98 -0.19
N SER C 144 23.10 9.90 -1.09
CA SER C 144 21.69 10.05 -0.77
C SER C 144 20.84 8.99 -1.48
N SER C 145 19.58 8.84 -1.10
CA SER C 145 18.63 7.95 -1.83
C SER C 145 18.16 8.61 -3.13
N GLY C 146 18.16 9.95 -3.18
CA GLY C 146 17.80 10.70 -4.39
C GLY C 146 18.80 10.43 -5.52
N SER C 147 18.38 10.69 -6.75
CA SER C 147 19.21 10.47 -7.93
C SER C 147 20.36 11.47 -7.95
N VAL C 148 21.51 11.05 -8.45
CA VAL C 148 22.70 11.93 -8.56
C VAL C 148 22.41 13.27 -9.27
N LYS C 149 21.56 13.24 -10.30
CA LYS C 149 21.11 14.47 -10.98
C LYS C 149 20.29 15.39 -10.01
N ALA C 150 19.39 14.81 -9.21
CA ALA C 150 18.59 15.56 -8.23
C ALA C 150 19.48 16.13 -7.13
N GLN C 151 20.43 15.32 -6.66
CA GLN C 151 21.42 15.74 -5.67
C GLN C 151 22.26 16.93 -6.18
N LYS C 152 22.73 16.86 -7.42
CA LYS C 152 23.51 17.97 -7.98
C LYS C 152 22.70 19.27 -8.09
N LEU C 153 21.46 19.15 -8.57
CA LEU C 153 20.55 20.31 -8.68
C LEU C 153 20.34 21.00 -7.33
N LEU C 154 20.09 20.20 -6.29
CA LEU C 154 19.94 20.69 -4.93
C LEU C 154 21.13 21.58 -4.51
N PHE C 155 22.34 21.08 -4.74
CA PHE C 155 23.58 21.83 -4.41
C PHE C 155 23.92 23.02 -5.36
N GLY C 156 23.25 23.10 -6.51
CA GLY C 156 23.44 24.24 -7.44
C GLY C 156 22.52 25.43 -7.14
N TYR C 157 21.54 25.27 -6.24
CA TYR C 157 20.49 26.27 -5.97
C TYR C 157 20.11 26.28 -4.49
N VAL C 158 21.12 26.59 -3.70
CA VAL C 158 21.07 26.63 -2.25
C VAL C 158 20.63 28.02 -1.75
N GLN C 159 19.65 28.02 -0.87
CA GLN C 159 19.14 29.20 -0.18
C GLN C 159 20.32 29.85 0.57
N ASP C 160 20.48 31.16 0.37
CA ASP C 160 21.57 31.94 1.01
C ASP C 160 21.10 32.24 2.43
N PRO C 161 21.80 31.70 3.47
CA PRO C 161 21.37 31.97 4.88
C PRO C 161 21.34 33.47 5.29
N ASN C 162 22.18 34.27 4.64
CA ASN C 162 22.25 35.72 4.88
C ASN C 162 21.26 36.56 4.05
N ALA C 163 20.56 35.92 3.11
CA ALA C 163 19.59 36.59 2.23
C ALA C 163 18.65 35.52 1.59
N PRO C 164 17.85 34.81 2.43
CA PRO C 164 17.07 33.64 1.91
C PRO C 164 16.11 33.92 0.74
N ALA C 165 15.46 35.07 0.79
CA ALA C 165 14.53 35.54 -0.24
C ALA C 165 15.21 36.04 -1.54
N HIS C 166 16.55 36.16 -1.57
CA HIS C 166 17.29 36.70 -2.73
C HIS C 166 17.97 35.55 -3.46
N ASP C 167 18.99 35.81 -4.29
CA ASP C 167 19.63 34.75 -5.08
C ASP C 167 20.14 33.54 -4.28
N SER C 168 19.99 32.36 -4.90
CA SER C 168 20.52 31.12 -4.37
C SER C 168 22.04 31.10 -4.60
N LEU C 169 22.72 30.16 -3.93
CA LEU C 169 24.16 29.90 -4.05
C LEU C 169 24.38 28.59 -4.81
N ASP C 170 25.42 28.55 -5.64
CA ASP C 170 25.81 27.37 -6.42
C ASP C 170 27.02 26.79 -5.67
N LEU C 171 26.85 25.60 -5.07
CA LEU C 171 27.95 24.91 -4.39
C LEU C 171 28.54 23.74 -5.18
N ASN C 172 28.14 23.56 -6.44
CA ASN C 172 28.62 22.44 -7.26
C ASN C 172 30.11 22.34 -7.48
N SER C 173 30.81 23.48 -7.56
CA SER C 173 32.29 23.48 -7.75
C SER C 173 33.05 23.00 -6.51
N TYR C 174 32.38 22.96 -5.37
CA TYR C 174 32.92 22.45 -4.10
C TYR C 174 32.70 20.95 -3.86
N ILE C 175 31.81 20.30 -4.63
CA ILE C 175 31.45 18.89 -4.45
C ILE C 175 32.15 18.08 -5.53
N ASP C 176 32.78 16.97 -5.13
CA ASP C 176 33.60 16.16 -6.00
C ASP C 176 32.89 14.98 -6.65
N GLY C 177 31.78 14.56 -6.07
CA GLY C 177 31.00 13.47 -6.62
C GLY C 177 29.77 13.20 -5.83
N TYR C 178 28.85 12.48 -6.48
CA TYR C 178 27.54 12.13 -5.95
C TYR C 178 27.29 10.63 -6.10
N PHE C 179 26.67 10.02 -5.10
CA PHE C 179 26.36 8.60 -5.11
C PHE C 179 24.90 8.39 -4.71
N ASP C 180 24.28 7.39 -5.31
CA ASP C 180 22.90 7.04 -5.01
C ASP C 180 22.78 5.50 -4.86
N ILE C 181 21.54 5.04 -4.68
CA ILE C 181 21.25 3.61 -4.51
C ILE C 181 21.52 2.81 -5.81
N ASN C 182 21.29 3.43 -6.97
CA ASN C 182 21.62 2.79 -8.25
C ASN C 182 23.10 2.65 -8.51
N THR C 183 23.88 3.68 -8.17
CA THR C 183 25.34 3.63 -8.38
C THR C 183 26.08 2.77 -7.33
N SER C 184 25.58 2.75 -6.09
CA SER C 184 26.30 2.13 -4.96
C SER C 184 25.57 1.04 -4.15
N GLY C 185 24.25 1.09 -4.07
CA GLY C 185 23.42 0.12 -3.30
C GLY C 185 22.70 0.79 -2.12
N LYS C 186 22.01 -0.02 -1.32
CA LYS C 186 21.25 0.47 -0.14
C LYS C 186 22.21 1.09 0.86
N LYS C 187 21.78 2.17 1.49
CA LYS C 187 22.59 2.92 2.42
C LYS C 187 22.89 2.23 3.75
N THR C 188 22.16 1.15 4.07
CA THR C 188 22.35 0.31 5.27
C THR C 188 23.18 -0.98 5.01
N GLU C 189 23.78 -1.11 3.83
CA GLU C 189 24.63 -2.27 3.46
C GLU C 189 26.07 -1.80 3.43
N THR C 190 26.94 -2.52 4.12
CA THR C 190 28.39 -2.26 4.17
C THR C 190 29.08 -2.28 2.78
N GLN C 191 28.61 -3.16 1.90
CA GLN C 191 29.12 -3.28 0.54
C GLN C 191 29.01 -2.00 -0.32
N SER C 192 27.95 -1.22 -0.06
CA SER C 192 27.73 0.06 -0.73
C SER C 192 28.87 1.03 -0.46
N TYR C 193 29.40 0.99 0.76
CA TYR C 193 30.52 1.84 1.16
C TYR C 193 31.80 1.33 0.53
N ALA C 194 31.96 -0.01 0.41
CA ALA C 194 33.10 -0.59 -0.31
C ALA C 194 33.10 -0.15 -1.78
N ASN C 195 31.90 -0.12 -2.39
CA ASN C 195 31.73 0.35 -3.78
C ASN C 195 32.16 1.81 -3.93
N ILE C 196 31.60 2.68 -3.08
CA ILE C 196 31.95 4.12 -3.03
C ILE C 196 33.45 4.35 -2.84
N LEU C 197 34.01 3.61 -1.88
CA LEU C 197 35.44 3.72 -1.51
C LEU C 197 36.36 3.34 -2.70
N ARG C 198 35.93 2.36 -3.49
CA ARG C 198 36.63 1.96 -4.73
C ARG C 198 36.51 3.06 -5.81
N ASP C 199 35.31 3.63 -5.95
CA ASP C 199 35.07 4.72 -6.90
C ASP C 199 35.90 5.97 -6.55
N ILE C 200 35.91 6.37 -5.28
CA ILE C 200 36.75 7.50 -4.78
C ILE C 200 38.24 7.16 -4.88
N GLY C 201 38.58 5.88 -4.65
CA GLY C 201 39.96 5.43 -4.60
C GLY C 201 40.62 5.93 -3.35
N ALA C 202 39.93 5.84 -2.20
CA ALA C 202 40.43 6.30 -0.89
C ALA C 202 40.55 5.15 0.12
N LYS C 203 41.42 5.32 1.11
CA LYS C 203 41.55 4.35 2.20
C LYS C 203 40.44 4.67 3.20
N ALA C 204 39.83 3.62 3.75
CA ALA C 204 38.73 3.76 4.73
C ALA C 204 39.07 4.66 5.90
N SER C 205 40.31 4.53 6.41
CA SER C 205 40.84 5.34 7.51
C SER C 205 40.96 6.85 7.21
N GLU C 206 40.99 7.21 5.93
CA GLU C 206 41.03 8.61 5.50
C GLU C 206 39.65 9.29 5.31
N VAL C 207 38.55 8.54 5.47
CA VAL C 207 37.19 9.01 5.26
C VAL C 207 36.40 9.18 6.56
N LEU C 208 35.63 10.28 6.63
CA LEU C 208 34.67 10.53 7.70
C LEU C 208 33.31 10.58 7.02
N PHE C 209 32.37 9.77 7.52
CA PHE C 209 31.01 9.69 7.02
C PHE C 209 30.07 10.35 8.03
N LEU C 210 29.33 11.37 7.57
CA LEU C 210 28.35 12.07 8.39
C LEU C 210 26.93 11.73 7.92
N SER C 211 26.14 11.21 8.87
CA SER C 211 24.74 10.87 8.66
C SER C 211 23.93 10.98 9.96
N ASP C 212 22.60 11.13 9.84
CA ASP C 212 21.69 11.12 11.01
C ASP C 212 21.18 9.71 11.34
N ASN C 213 21.39 8.75 10.42
CA ASN C 213 20.90 7.39 10.60
C ASN C 213 22.03 6.50 11.17
N PRO C 214 21.87 5.99 12.44
CA PRO C 214 22.89 5.08 12.98
C PRO C 214 23.12 3.80 12.18
N LEU C 215 22.06 3.32 11.50
CA LEU C 215 22.12 2.13 10.64
C LEU C 215 23.00 2.36 9.41
N GLU C 216 23.03 3.60 8.90
CA GLU C 216 23.94 3.97 7.80
C GLU C 216 25.37 4.03 8.30
N LEU C 217 25.56 4.55 9.51
CA LEU C 217 26.89 4.62 10.12
C LEU C 217 27.44 3.22 10.46
N ASP C 218 26.58 2.30 10.92
CA ASP C 218 27.00 0.90 11.24
C ASP C 218 27.53 0.20 9.99
N ALA C 219 26.83 0.41 8.86
CA ALA C 219 27.23 -0.12 7.56
C ALA C 219 28.62 0.38 7.14
N ALA C 220 28.80 1.71 7.22
CA ALA C 220 30.08 2.38 6.88
C ALA C 220 31.27 1.91 7.74
N ALA C 221 31.03 1.78 9.06
CA ALA C 221 32.03 1.30 10.02
C ALA C 221 32.49 -0.14 9.71
N GLY C 222 31.64 -0.94 9.05
CA GLY C 222 31.97 -2.29 8.59
C GLY C 222 33.19 -2.36 7.66
N VAL C 223 33.43 -1.31 6.87
CA VAL C 223 34.67 -1.21 6.05
C VAL C 223 35.76 -0.31 6.71
N GLY C 224 35.56 0.10 7.96
CA GLY C 224 36.53 0.95 8.70
C GLY C 224 36.43 2.46 8.49
N ILE C 225 35.37 2.92 7.82
CA ILE C 225 35.15 4.37 7.60
C ILE C 225 34.77 5.01 8.95
N ALA C 226 35.39 6.15 9.26
CA ALA C 226 35.07 6.92 10.47
C ALA C 226 33.66 7.47 10.35
N THR C 227 32.98 7.60 11.49
CA THR C 227 31.56 7.97 11.54
C THR C 227 31.24 9.06 12.57
N GLY C 228 30.32 9.94 12.20
CA GLY C 228 29.80 11.00 13.07
C GLY C 228 28.29 11.02 12.92
N LEU C 229 27.59 11.17 14.06
CA LEU C 229 26.10 11.20 14.06
C LEU C 229 25.64 12.67 14.01
N ALA C 230 24.94 13.04 12.94
CA ALA C 230 24.40 14.40 12.79
C ALA C 230 23.05 14.51 13.51
N SER C 231 22.94 15.55 14.36
CA SER C 231 21.72 15.88 15.09
C SER C 231 21.32 17.29 14.62
N ARG C 232 20.19 17.37 13.94
CA ARG C 232 19.62 18.58 13.39
C ARG C 232 18.20 18.71 13.93
N PRO C 233 17.69 19.97 14.10
CA PRO C 233 16.34 20.14 14.66
C PRO C 233 15.30 19.47 13.75
N GLY C 234 14.48 18.63 14.35
CA GLY C 234 13.49 17.81 13.64
C GLY C 234 13.89 16.36 13.40
N ASN C 235 15.14 15.97 13.69
CA ASN C 235 15.56 14.56 13.55
C ASN C 235 14.96 13.71 14.68
N ALA C 236 14.96 12.38 14.51
CA ALA C 236 14.55 11.47 15.58
C ALA C 236 15.48 11.74 16.77
N PRO C 237 14.96 11.73 18.01
CA PRO C 237 15.85 12.01 19.14
C PRO C 237 16.97 10.96 19.28
N VAL C 238 18.13 11.41 19.75
CA VAL C 238 19.31 10.54 19.96
C VAL C 238 19.28 9.99 21.39
N PRO C 239 19.19 8.64 21.57
CA PRO C 239 19.25 8.07 22.94
C PRO C 239 20.60 8.34 23.61
N ASP C 240 20.58 8.83 24.86
CA ASP C 240 21.80 9.21 25.64
C ASP C 240 22.97 8.21 25.67
N GLY C 241 22.67 6.94 25.89
CA GLY C 241 23.70 5.90 26.01
C GLY C 241 24.40 5.40 24.74
N GLN C 242 24.00 5.90 23.57
CA GLN C 242 24.53 5.40 22.27
C GLN C 242 26.03 5.65 21.98
N LYS C 243 26.61 4.76 21.17
CA LYS C 243 28.05 4.73 20.88
C LYS C 243 28.67 5.86 20.03
N TYR C 244 27.91 6.45 19.11
CA TYR C 244 28.45 7.48 18.20
C TYR C 244 28.71 8.86 18.81
N GLN C 245 29.67 9.57 18.21
CA GLN C 245 29.98 10.95 18.58
C GLN C 245 28.95 11.83 17.82
N VAL C 246 28.19 12.62 18.57
CA VAL C 246 27.09 13.43 18.06
C VAL C 246 27.54 14.84 17.70
N TYR C 247 27.10 15.33 16.54
CA TYR C 247 27.40 16.68 16.03
C TYR C 247 26.10 17.47 15.73
N LYS C 248 25.86 18.52 16.53
CA LYS C 248 24.75 19.48 16.34
C LYS C 248 25.04 20.41 15.15
N ASN C 249 26.32 20.62 14.86
CA ASN C 249 26.77 21.38 13.70
C ASN C 249 28.18 20.88 13.27
N PHE C 250 28.68 21.40 12.14
CA PHE C 250 29.98 20.97 11.58
C PHE C 250 31.13 21.97 11.73
N GLU C 251 31.04 22.88 12.70
CA GLU C 251 32.08 23.91 12.95
C GLU C 251 33.46 23.35 13.30
N THR C 252 33.47 22.29 14.11
CA THR C 252 34.70 21.64 14.60
C THR C 252 35.27 20.56 13.68
N LEU C 253 34.57 20.22 12.60
CA LEU C 253 35.00 19.15 11.67
C LEU C 253 35.85 19.64 10.49
N ASN D 30 -21.70 17.97 2.55
CA ASN D 30 -22.42 17.16 3.60
C ASN D 30 -22.66 17.98 4.90
N TYR D 31 -21.63 18.70 5.34
CA TYR D 31 -21.69 19.58 6.52
C TYR D 31 -21.66 21.04 6.06
N SER D 32 -22.36 21.91 6.79
CA SER D 32 -22.38 23.34 6.47
C SER D 32 -21.13 24.09 6.93
N THR D 33 -20.51 23.65 8.02
CA THR D 33 -19.34 24.33 8.60
C THR D 33 -18.21 23.36 8.95
N TYR D 34 -16.97 23.82 8.87
CA TYR D 34 -15.79 23.00 9.23
C TYR D 34 -14.91 23.73 10.26
N LEU D 35 -14.48 22.96 11.26
CA LEU D 35 -13.60 23.44 12.33
C LEU D 35 -12.30 22.71 12.12
N LEU D 36 -11.20 23.46 12.04
CA LEU D 36 -9.92 22.89 11.74
C LEU D 36 -8.85 23.15 12.77
N ASP D 37 -8.16 22.07 13.13
CA ASP D 37 -6.91 22.13 13.91
C ASP D 37 -5.81 22.59 12.93
N ILE D 38 -4.71 23.16 13.44
CA ILE D 38 -3.57 23.53 12.60
C ILE D 38 -2.52 22.39 12.41
N GLU D 39 -1.59 22.21 13.37
CA GLU D 39 -0.48 21.20 13.26
C GLU D 39 -0.93 19.75 13.11
N GLY D 40 -0.37 19.07 12.12
CA GLY D 40 -0.72 17.68 11.82
C GLY D 40 -2.05 17.49 11.11
N THR D 41 -2.73 18.58 10.74
CA THR D 41 -4.06 18.56 10.10
C THR D 41 -4.00 19.34 8.78
N VAL D 42 -3.81 20.67 8.82
CA VAL D 42 -3.60 21.49 7.59
C VAL D 42 -2.13 21.85 7.34
N CYS D 43 -1.30 21.84 8.40
CA CYS D 43 0.14 22.12 8.34
CA CYS D 43 0.13 22.14 8.33
C CYS D 43 0.93 20.92 8.82
N PRO D 44 2.09 20.60 8.17
CA PRO D 44 2.89 19.47 8.70
C PRO D 44 3.41 19.76 10.10
N ILE D 45 3.43 18.72 10.92
CA ILE D 45 3.90 18.81 12.30
C ILE D 45 5.41 19.17 12.33
N SER D 46 6.16 18.80 11.28
CA SER D 46 7.60 19.10 11.15
C SER D 46 8.01 20.58 11.08
N PHE D 47 7.11 21.45 10.60
CA PHE D 47 7.40 22.86 10.39
C PHE D 47 7.94 23.62 11.61
N VAL D 48 7.34 23.37 12.77
CA VAL D 48 7.71 24.08 14.02
C VAL D 48 9.17 23.79 14.43
N LYS D 49 9.53 22.50 14.55
CA LYS D 49 10.88 22.08 14.97
C LYS D 49 11.93 22.11 13.89
N GLU D 50 11.57 21.79 12.64
CA GLU D 50 12.53 21.85 11.55
C GLU D 50 12.85 23.22 10.99
N THR D 51 11.89 24.14 10.99
CA THR D 51 12.04 25.46 10.35
C THR D 51 11.79 26.68 11.25
N LEU D 52 10.65 26.66 11.93
CA LEU D 52 10.19 27.82 12.69
C LEU D 52 11.09 28.12 13.91
N PHE D 53 11.29 27.15 14.81
CA PHE D 53 12.21 27.33 15.94
C PHE D 53 13.68 27.61 15.53
N PRO D 54 14.29 26.79 14.64
CA PRO D 54 15.63 27.10 14.14
C PRO D 54 15.76 28.51 13.56
N TYR D 55 14.76 28.97 12.82
CA TYR D 55 14.77 30.34 12.27
C TYR D 55 14.94 31.34 13.44
N PHE D 56 14.18 31.14 14.53
CA PHE D 56 14.26 32.02 15.71
C PHE D 56 15.59 31.92 16.44
N THR D 57 16.04 30.70 16.71
CA THR D 57 17.29 30.50 17.43
C THR D 57 18.51 30.99 16.67
N ASN D 58 18.53 30.82 15.35
CA ASN D 58 19.62 31.34 14.53
C ASN D 58 19.67 32.89 14.51
N LYS D 59 18.53 33.55 14.73
CA LYS D 59 18.45 35.03 14.78
C LYS D 59 18.84 35.64 16.13
N VAL D 60 18.77 34.83 17.21
CA VAL D 60 19.07 35.30 18.57
C VAL D 60 20.40 36.07 18.73
N PRO D 61 21.52 35.55 18.17
CA PRO D 61 22.81 36.30 18.26
C PRO D 61 22.82 37.68 17.60
N GLN D 62 22.04 37.87 16.54
CA GLN D 62 21.88 39.17 15.90
C GLN D 62 20.99 40.09 16.78
N LEU D 63 19.90 39.56 17.30
CA LEU D 63 18.94 40.34 18.12
C LEU D 63 19.55 41.00 19.35
N VAL D 64 20.37 40.26 20.09
CA VAL D 64 21.00 40.77 21.33
C VAL D 64 21.99 41.95 21.10
N GLN D 65 22.50 42.09 19.87
CA GLN D 65 23.35 43.23 19.46
C GLN D 65 22.57 44.56 19.49
N GLN D 66 21.30 44.53 19.09
CA GLN D 66 20.49 45.74 19.02
C GLN D 66 19.98 46.15 20.43
N ASP D 67 20.79 46.98 21.09
CA ASP D 67 20.51 47.54 22.43
C ASP D 67 20.29 49.08 22.41
N THR D 68 19.91 49.64 21.26
CA THR D 68 19.74 51.10 21.16
C THR D 68 18.39 51.48 21.75
N ARG D 69 18.41 52.48 22.64
CA ARG D 69 17.21 53.01 23.31
C ARG D 69 16.05 53.26 22.34
N ASP D 70 14.88 52.72 22.67
CA ASP D 70 13.64 52.84 21.88
C ASP D 70 13.57 52.11 20.52
N SER D 71 14.51 51.21 20.24
CA SER D 71 14.39 50.31 19.06
C SER D 71 13.29 49.28 19.42
N PRO D 72 12.43 48.87 18.46
CA PRO D 72 11.40 47.85 18.79
C PRO D 72 11.93 46.52 19.39
N VAL D 73 13.05 46.01 18.87
CA VAL D 73 13.74 44.81 19.38
C VAL D 73 14.25 45.08 20.78
N SER D 74 14.96 46.20 20.95
CA SER D 74 15.50 46.61 22.24
C SER D 74 14.40 46.79 23.33
N ASN D 75 13.22 47.32 22.94
CA ASN D 75 12.08 47.43 23.85
C ASN D 75 11.55 46.06 24.36
N ILE D 76 11.50 45.06 23.47
CA ILE D 76 11.11 43.70 23.86
C ILE D 76 12.21 43.07 24.77
N LEU D 77 13.46 43.16 24.31
CA LEU D 77 14.61 42.57 25.00
C LEU D 77 14.89 43.10 26.37
N SER D 78 14.62 44.39 26.58
CA SER D 78 14.81 45.01 27.89
C SER D 78 13.91 44.43 29.01
N GLN D 79 12.75 43.88 28.64
CA GLN D 79 11.80 43.27 29.57
C GLN D 79 12.31 41.95 30.17
N PHE D 80 13.40 41.39 29.65
CA PHE D 80 14.11 40.27 30.26
C PHE D 80 14.96 40.72 31.47
N HIS D 81 15.30 42.01 31.53
CA HIS D 81 16.05 42.63 32.63
C HIS D 81 17.45 42.05 32.87
N ILE D 82 18.13 41.71 31.77
CA ILE D 82 19.50 41.17 31.74
C ILE D 82 20.33 42.08 30.80
N ASP D 83 21.26 42.84 31.36
CA ASP D 83 22.09 43.81 30.58
C ASP D 83 23.21 43.14 29.76
N ASN D 84 23.93 42.20 30.38
CA ASN D 84 25.01 41.44 29.70
C ASN D 84 24.44 40.63 28.52
N LYS D 85 24.95 40.91 27.31
CA LYS D 85 24.47 40.32 26.06
C LYS D 85 24.70 38.82 25.88
N GLU D 86 25.80 38.29 26.42
CA GLU D 86 26.13 36.85 26.35
C GLU D 86 25.19 36.07 27.27
N GLN D 87 24.97 36.60 28.47
CA GLN D 87 24.01 36.02 29.44
C GLN D 87 22.56 36.04 28.91
N LEU D 88 22.20 37.12 28.20
CA LEU D 88 20.86 37.29 27.64
C LEU D 88 20.65 36.30 26.52
N GLN D 89 21.65 36.14 25.65
CA GLN D 89 21.61 35.17 24.57
C GLN D 89 21.46 33.76 25.16
N ALA D 90 22.33 33.41 26.10
CA ALA D 90 22.28 32.12 26.77
C ALA D 90 20.92 31.88 27.46
N HIS D 91 20.38 32.93 28.07
CA HIS D 91 19.09 32.86 28.75
C HIS D 91 17.93 32.55 27.80
N ILE D 92 17.91 33.23 26.66
CA ILE D 92 16.85 33.01 25.67
C ILE D 92 16.92 31.59 25.10
N LEU D 93 18.13 31.10 24.84
CA LEU D 93 18.34 29.76 24.31
C LEU D 93 17.97 28.70 25.34
N GLU D 94 18.26 28.98 26.61
CA GLU D 94 17.92 28.11 27.74
C GLU D 94 16.39 28.00 27.85
N LEU D 95 15.70 29.13 27.78
CA LEU D 95 14.23 29.15 27.79
C LEU D 95 13.65 28.25 26.69
N VAL D 96 14.17 28.40 25.46
CA VAL D 96 13.71 27.63 24.30
C VAL D 96 14.03 26.14 24.47
N ALA D 97 15.27 25.84 24.87
CA ALA D 97 15.75 24.48 25.05
C ALA D 97 15.03 23.72 26.19
N LYS D 98 14.66 24.42 27.27
CA LYS D 98 13.88 23.83 28.40
C LYS D 98 12.35 23.97 28.22
N ASP D 99 11.90 24.52 27.08
CA ASP D 99 10.48 24.74 26.75
C ASP D 99 9.77 25.56 27.84
N VAL D 100 10.42 26.65 28.26
CA VAL D 100 9.84 27.53 29.28
C VAL D 100 8.93 28.53 28.60
N LYS D 101 7.65 28.43 28.92
CA LYS D 101 6.64 29.38 28.45
C LYS D 101 6.85 30.73 29.20
N ASP D 102 7.38 31.73 28.48
CA ASP D 102 7.66 33.07 29.01
C ASP D 102 6.95 34.06 28.07
N PRO D 103 6.23 35.06 28.64
CA PRO D 103 5.49 36.00 27.77
C PRO D 103 6.36 36.94 26.94
N ILE D 104 7.56 37.26 27.44
CA ILE D 104 8.52 38.14 26.75
C ILE D 104 9.18 37.37 25.61
N LEU D 105 9.49 36.10 25.84
CA LEU D 105 10.01 35.22 24.78
C LEU D 105 8.98 35.06 23.64
N LYS D 106 7.72 34.84 24.01
CA LYS D 106 6.63 34.71 23.02
C LYS D 106 6.43 36.00 22.23
N GLN D 107 6.61 37.14 22.88
CA GLN D 107 6.58 38.45 22.23
C GLN D 107 7.80 38.63 21.25
N LEU D 108 8.98 38.19 21.68
CA LEU D 108 10.19 38.23 20.83
C LEU D 108 10.05 37.31 19.62
N GLN D 109 9.58 36.08 19.89
CA GLN D 109 9.33 35.07 18.83
C GLN D 109 8.29 35.56 17.83
N GLY D 110 7.21 36.14 18.33
CA GLY D 110 6.16 36.73 17.49
C GLY D 110 6.69 37.84 16.58
N TYR D 111 7.56 38.69 17.14
CA TYR D 111 8.18 39.78 16.42
C TYR D 111 9.12 39.27 15.33
N VAL D 112 9.97 38.32 15.67
CA VAL D 112 10.93 37.73 14.72
C VAL D 112 10.20 36.96 13.63
N TRP D 113 9.24 36.13 13.99
CA TRP D 113 8.43 35.40 13.02
C TRP D 113 7.65 36.32 12.07
N ALA D 114 7.05 37.37 12.64
CA ALA D 114 6.29 38.34 11.82
C ALA D 114 7.16 38.95 10.75
N HIS D 115 8.38 39.36 11.13
CA HIS D 115 9.32 39.96 10.18
C HIS D 115 9.82 39.01 9.07
N GLY D 116 10.10 37.76 9.46
CA GLY D 116 10.53 36.72 8.52
C GLY D 116 9.44 36.46 7.49
N TYR D 117 8.20 36.35 7.94
CA TYR D 117 7.05 36.21 7.04
C TYR D 117 6.90 37.40 6.09
N GLU D 118 6.85 38.62 6.64
CA GLU D 118 6.68 39.86 5.84
C GLU D 118 7.79 40.14 4.85
N SER D 119 9.04 39.84 5.22
CA SER D 119 10.21 39.99 4.33
C SER D 119 10.46 38.77 3.45
N GLY D 120 9.56 37.77 3.47
CA GLY D 120 9.67 36.60 2.59
C GLY D 120 10.75 35.59 2.91
N GLN D 121 11.17 35.55 4.17
CA GLN D 121 12.25 34.63 4.62
C GLN D 121 11.72 33.29 5.11
N ILE D 122 10.44 33.27 5.48
CA ILE D 122 9.72 32.04 5.83
C ILE D 122 8.33 32.08 5.21
N LYS D 123 7.79 30.88 4.98
CA LYS D 123 6.48 30.67 4.37
C LYS D 123 5.82 29.51 5.13
N ALA D 124 4.56 29.66 5.52
CA ALA D 124 3.81 28.61 6.25
C ALA D 124 3.37 27.49 5.29
N PRO D 125 3.89 26.24 5.47
CA PRO D 125 3.54 25.15 4.53
C PRO D 125 2.17 24.61 4.88
N VAL D 126 1.19 24.81 4.03
CA VAL D 126 -0.14 24.28 4.23
C VAL D 126 -0.28 23.27 3.09
N TYR D 127 -0.79 22.09 3.39
CA TYR D 127 -0.95 21.04 2.36
C TYR D 127 -1.87 21.56 1.24
N ALA D 128 -1.52 21.23 -0.01
CA ALA D 128 -2.24 21.70 -1.20
C ALA D 128 -3.72 21.42 -1.15
N ASP D 129 -4.04 20.20 -0.70
CA ASP D 129 -5.44 19.77 -0.54
C ASP D 129 -6.14 20.51 0.60
N ALA D 130 -5.38 20.94 1.61
CA ALA D 130 -5.91 21.77 2.71
C ALA D 130 -6.18 23.22 2.20
N ILE D 131 -5.26 23.78 1.37
CA ILE D 131 -5.46 25.11 0.72
C ILE D 131 -6.71 25.05 -0.16
N ASP D 132 -6.81 24.00 -0.99
CA ASP D 132 -7.99 23.80 -1.85
C ASP D 132 -9.28 23.63 -1.07
N PHE D 133 -9.21 22.91 0.05
CA PHE D 133 -10.35 22.71 0.94
C PHE D 133 -10.82 24.05 1.54
N ILE D 134 -9.88 24.81 2.08
CA ILE D 134 -10.18 26.14 2.68
C ILE D 134 -10.76 27.12 1.62
N LYS D 135 -10.25 27.07 0.40
CA LYS D 135 -10.73 27.91 -0.70
C LYS D 135 -12.12 27.59 -1.26
N ARG D 136 -12.61 26.36 -1.10
CA ARG D 136 -13.94 26.00 -1.64
C ARG D 136 -15.08 25.98 -0.65
N LYS D 137 -14.79 25.59 0.60
CA LYS D 137 -15.84 25.44 1.63
C LYS D 137 -16.43 26.76 2.08
N LYS D 138 -17.73 26.75 2.35
CA LYS D 138 -18.47 27.97 2.65
C LYS D 138 -18.14 28.61 4.00
N ARG D 139 -18.04 27.77 5.03
CA ARG D 139 -17.80 28.19 6.41
C ARG D 139 -16.62 27.41 7.01
N VAL D 140 -15.47 28.08 7.12
CA VAL D 140 -14.24 27.49 7.69
C VAL D 140 -13.78 28.28 8.92
N PHE D 141 -13.58 27.55 10.03
CA PHE D 141 -13.12 28.10 11.30
C PHE D 141 -11.87 27.37 11.73
N ILE D 142 -10.94 28.09 12.37
CA ILE D 142 -9.68 27.51 12.88
C ILE D 142 -9.72 27.50 14.43
N TYR D 143 -9.25 26.39 15.02
CA TYR D 143 -9.11 26.24 16.49
C TYR D 143 -7.74 25.65 16.79
N SER D 144 -6.87 26.45 17.41
CA SER D 144 -5.50 26.06 17.73
C SER D 144 -5.07 26.53 19.11
N SER D 145 -3.98 25.92 19.60
CA SER D 145 -3.36 26.33 20.88
C SER D 145 -2.61 27.66 20.72
N GLY D 146 -2.13 27.97 19.50
CA GLY D 146 -1.51 29.27 19.19
C GLY D 146 -2.59 30.36 19.19
N SER D 147 -2.21 31.58 19.58
CA SER D 147 -3.15 32.69 19.64
C SER D 147 -3.75 33.08 18.27
N VAL D 148 -4.91 33.74 18.31
CA VAL D 148 -5.59 34.23 17.10
C VAL D 148 -4.62 35.07 16.24
N LYS D 149 -3.88 35.97 16.89
CA LYS D 149 -2.84 36.81 16.25
C LYS D 149 -1.82 35.95 15.50
N ALA D 150 -1.31 34.93 16.16
CA ALA D 150 -0.36 33.95 15.57
C ALA D 150 -0.97 33.13 14.39
N GLN D 151 -2.24 32.77 14.51
CA GLN D 151 -2.96 32.03 13.45
C GLN D 151 -3.11 32.89 12.18
N LYS D 152 -3.59 34.12 12.35
CA LYS D 152 -3.77 35.07 11.25
C LYS D 152 -2.49 35.37 10.51
N LEU D 153 -1.37 35.32 11.26
CA LEU D 153 -0.05 35.53 10.69
C LEU D 153 0.34 34.35 9.81
N LEU D 154 0.18 33.13 10.34
CA LEU D 154 0.50 31.88 9.61
C LEU D 154 -0.29 31.83 8.29
N PHE D 155 -1.61 32.07 8.38
CA PHE D 155 -2.48 32.04 7.20
C PHE D 155 -2.35 33.25 6.26
N GLY D 156 -1.63 34.30 6.68
CA GLY D 156 -1.35 35.46 5.83
C GLY D 156 -0.18 35.25 4.89
N TYR D 157 0.66 34.24 5.19
CA TYR D 157 1.91 33.99 4.48
C TYR D 157 2.12 32.51 4.22
N VAL D 158 1.15 31.94 3.51
CA VAL D 158 1.15 30.54 3.18
C VAL D 158 2.04 30.26 1.95
N GLN D 159 2.84 29.22 2.03
CA GLN D 159 3.71 28.80 0.96
C GLN D 159 2.87 28.41 -0.28
N ASP D 160 3.26 28.93 -1.45
CA ASP D 160 2.55 28.64 -2.70
C ASP D 160 3.04 27.27 -3.15
N PRO D 161 2.16 26.25 -3.24
CA PRO D 161 2.60 24.93 -3.74
C PRO D 161 3.15 24.94 -5.17
N ASN D 162 2.66 25.89 -5.98
CA ASN D 162 3.10 26.05 -7.38
C ASN D 162 4.50 26.67 -7.49
N ALA D 163 4.91 27.44 -6.46
CA ALA D 163 6.19 28.16 -6.45
C ALA D 163 6.60 28.52 -5.00
N PRO D 164 7.04 27.51 -4.20
CA PRO D 164 7.40 27.71 -2.79
C PRO D 164 8.32 28.91 -2.45
N ALA D 165 9.39 29.09 -3.21
CA ALA D 165 10.37 30.17 -3.02
C ALA D 165 9.93 31.54 -3.56
N HIS D 166 8.80 31.59 -4.27
CA HIS D 166 8.21 32.86 -4.74
C HIS D 166 7.25 33.40 -3.63
N ASP D 167 6.51 34.48 -3.93
CA ASP D 167 5.56 35.07 -2.99
C ASP D 167 4.59 34.05 -2.35
N SER D 168 4.28 34.29 -1.09
CA SER D 168 3.33 33.51 -0.32
C SER D 168 1.89 33.89 -0.71
N LEU D 169 0.94 33.12 -0.20
CA LEU D 169 -0.48 33.30 -0.41
C LEU D 169 -1.09 33.74 0.89
N ASP D 170 -2.11 34.59 0.80
CA ASP D 170 -2.88 35.07 1.96
C ASP D 170 -4.17 34.27 1.92
N LEU D 171 -4.34 33.37 2.89
CA LEU D 171 -5.55 32.56 3.03
C LEU D 171 -6.56 33.16 4.02
N ASN D 172 -6.21 34.26 4.69
CA ASN D 172 -7.12 34.89 5.69
C ASN D 172 -8.45 35.31 5.08
N SER D 173 -8.41 35.70 3.82
CA SER D 173 -9.62 36.04 3.06
C SER D 173 -10.63 34.89 2.93
N TYR D 174 -10.22 33.65 3.17
CA TYR D 174 -11.09 32.47 3.10
C TYR D 174 -11.46 31.87 4.46
N ILE D 175 -10.87 32.35 5.56
CA ILE D 175 -11.16 31.83 6.90
C ILE D 175 -12.23 32.71 7.49
N ASP D 176 -13.26 32.08 8.04
CA ASP D 176 -14.43 32.80 8.61
C ASP D 176 -14.27 33.20 10.08
N GLY D 177 -13.34 32.57 10.78
CA GLY D 177 -13.08 32.88 12.17
C GLY D 177 -11.93 32.07 12.74
N TYR D 178 -11.44 32.54 13.88
CA TYR D 178 -10.29 31.97 14.56
C TYR D 178 -10.63 31.86 16.05
N PHE D 179 -10.31 30.71 16.64
CA PHE D 179 -10.50 30.46 18.06
C PHE D 179 -9.20 29.96 18.67
N ASP D 180 -9.00 30.29 19.95
CA ASP D 180 -7.83 29.84 20.71
C ASP D 180 -8.26 29.48 22.16
N ILE D 181 -7.27 29.27 23.03
CA ILE D 181 -7.52 28.92 24.43
C ILE D 181 -8.21 30.08 25.16
N ASN D 182 -7.69 31.30 25.02
CA ASN D 182 -8.27 32.47 25.69
C ASN D 182 -9.68 32.84 25.20
N THR D 183 -9.97 32.63 23.91
CA THR D 183 -11.32 32.89 23.38
C THR D 183 -12.35 31.81 23.73
N SER D 184 -11.93 30.54 23.78
CA SER D 184 -12.85 29.40 23.94
C SER D 184 -12.64 28.39 25.07
N GLY D 185 -11.40 28.24 25.55
CA GLY D 185 -11.03 27.25 26.59
C GLY D 185 -10.09 26.20 26.03
N LYS D 186 -9.83 25.18 26.85
CA LYS D 186 -8.89 24.10 26.49
C LYS D 186 -9.48 23.20 25.41
N LYS D 187 -8.59 22.70 24.55
CA LYS D 187 -8.98 21.90 23.37
C LYS D 187 -9.48 20.51 23.68
N THR D 188 -9.24 20.04 24.92
CA THR D 188 -9.71 18.74 25.44
C THR D 188 -10.96 18.85 26.34
N GLU D 189 -11.53 20.06 26.48
CA GLU D 189 -12.76 20.31 27.29
C GLU D 189 -13.95 20.51 26.35
N THR D 190 -15.04 19.77 26.58
CA THR D 190 -16.27 19.84 25.76
C THR D 190 -16.94 21.24 25.75
N GLN D 191 -16.85 21.96 26.87
CA GLN D 191 -17.41 23.33 26.99
C GLN D 191 -16.82 24.31 25.96
N SER D 192 -15.54 24.12 25.64
CA SER D 192 -14.85 24.93 24.63
C SER D 192 -15.53 24.81 23.26
N TYR D 193 -15.96 23.59 22.94
CA TYR D 193 -16.64 23.30 21.68
C TYR D 193 -18.05 23.91 21.70
N ALA D 194 -18.71 23.90 22.86
CA ALA D 194 -20.00 24.58 23.02
C ALA D 194 -19.86 26.10 22.82
N ASN D 195 -18.78 26.70 23.33
CA ASN D 195 -18.52 28.13 23.16
C ASN D 195 -18.34 28.46 21.69
N ILE D 196 -17.55 27.62 21.03
CA ILE D 196 -17.28 27.73 19.59
C ILE D 196 -18.57 27.62 18.78
N LEU D 197 -19.42 26.64 19.12
CA LEU D 197 -20.70 26.44 18.46
C LEU D 197 -21.64 27.65 18.52
N ARG D 198 -21.67 28.34 19.67
CA ARG D 198 -22.49 29.55 19.84
C ARG D 198 -21.92 30.74 19.07
N ASP D 199 -20.59 30.85 19.02
CA ASP D 199 -19.91 31.92 18.27
C ASP D 199 -20.12 31.76 16.77
N ILE D 200 -19.98 30.53 16.29
CA ILE D 200 -20.23 30.18 14.88
C ILE D 200 -21.72 30.36 14.55
N GLY D 201 -22.59 30.03 15.49
CA GLY D 201 -24.04 30.10 15.30
C GLY D 201 -24.52 28.97 14.42
N ALA D 202 -24.01 27.75 14.67
CA ALA D 202 -24.36 26.54 13.93
C ALA D 202 -24.71 25.37 14.85
N LYS D 203 -25.50 24.44 14.34
CA LYS D 203 -25.89 23.22 15.07
C LYS D 203 -24.73 22.22 15.00
N ALA D 204 -24.49 21.51 16.12
CA ALA D 204 -23.37 20.54 16.26
C ALA D 204 -23.30 19.48 15.16
N SER D 205 -24.45 18.91 14.80
CA SER D 205 -24.53 17.89 13.73
C SER D 205 -24.22 18.44 12.31
N GLU D 206 -24.27 19.77 12.13
CA GLU D 206 -23.93 20.44 10.85
C GLU D 206 -22.42 20.84 10.76
N VAL D 207 -21.64 20.51 11.80
CA VAL D 207 -20.21 20.87 11.87
C VAL D 207 -19.34 19.63 11.90
N LEU D 208 -18.26 19.64 11.11
CA LEU D 208 -17.24 18.60 11.10
C LEU D 208 -15.95 19.18 11.67
N PHE D 209 -15.43 18.54 12.73
CA PHE D 209 -14.16 18.92 13.34
C PHE D 209 -13.06 17.96 12.87
N LEU D 210 -11.96 18.52 12.36
CA LEU D 210 -10.81 17.75 11.89
C LEU D 210 -9.57 18.11 12.71
N SER D 211 -8.93 17.08 13.28
CA SER D 211 -7.72 17.20 14.12
C SER D 211 -6.92 15.90 14.04
N ASP D 212 -5.61 15.99 14.34
CA ASP D 212 -4.74 14.80 14.46
C ASP D 212 -4.79 14.22 15.91
N ASN D 213 -5.23 15.01 16.90
CA ASN D 213 -5.33 14.58 18.31
C ASN D 213 -6.72 13.95 18.64
N PRO D 214 -6.75 12.64 19.03
CA PRO D 214 -8.04 12.01 19.40
C PRO D 214 -8.73 12.61 20.65
N LEU D 215 -7.94 13.07 21.62
CA LEU D 215 -8.44 13.71 22.85
C LEU D 215 -9.24 15.00 22.57
N GLU D 216 -8.87 15.75 21.53
CA GLU D 216 -9.64 16.92 21.09
C GLU D 216 -10.93 16.52 20.38
N LEU D 217 -10.88 15.43 19.60
CA LEU D 217 -12.07 14.88 18.96
C LEU D 217 -13.06 14.36 19.98
N ASP D 218 -12.55 13.73 21.05
CA ASP D 218 -13.38 13.26 22.17
C ASP D 218 -14.19 14.43 22.71
N ALA D 219 -13.48 15.52 23.04
CA ALA D 219 -14.10 16.75 23.55
C ALA D 219 -15.20 17.27 22.64
N ALA D 220 -14.90 17.39 21.34
CA ALA D 220 -15.88 17.86 20.33
C ALA D 220 -17.08 16.89 20.18
N ALA D 221 -16.80 15.57 20.15
CA ALA D 221 -17.83 14.52 20.09
C ALA D 221 -18.76 14.52 21.31
N GLY D 222 -18.23 14.98 22.46
CA GLY D 222 -19.01 15.18 23.68
C GLY D 222 -20.17 16.17 23.55
N VAL D 223 -20.12 17.09 22.58
CA VAL D 223 -21.22 18.05 22.30
C VAL D 223 -21.96 17.74 20.96
N GLY D 224 -21.77 16.53 20.40
CA GLY D 224 -22.41 16.12 19.16
C GLY D 224 -21.79 16.62 17.86
N ILE D 225 -20.54 17.12 17.91
CA ILE D 225 -19.83 17.56 16.70
C ILE D 225 -19.33 16.30 15.97
N ALA D 226 -19.51 16.28 14.64
CA ALA D 226 -18.99 15.20 13.79
C ALA D 226 -17.47 15.32 13.74
N THR D 227 -16.77 14.19 13.85
CA THR D 227 -15.31 14.14 13.96
C THR D 227 -14.62 13.35 12.82
N GLY D 228 -13.41 13.80 12.49
CA GLY D 228 -12.55 13.18 11.49
C GLY D 228 -11.11 13.26 11.97
N LEU D 229 -10.39 12.12 11.92
CA LEU D 229 -9.00 12.06 12.39
C LEU D 229 -8.05 12.26 11.19
N ALA D 230 -7.41 13.43 11.15
CA ALA D 230 -6.42 13.75 10.14
C ALA D 230 -5.16 12.87 10.38
N SER D 231 -4.68 12.25 9.30
CA SER D 231 -3.45 11.45 9.33
C SER D 231 -2.56 11.93 8.20
N ARG D 232 -1.44 12.52 8.59
CA ARG D 232 -0.46 13.11 7.68
C ARG D 232 0.94 12.55 8.05
N PRO D 233 1.88 12.51 7.07
CA PRO D 233 3.30 12.20 7.32
C PRO D 233 3.86 12.95 8.53
N GLY D 234 4.49 12.23 9.46
CA GLY D 234 5.03 12.80 10.69
C GLY D 234 4.11 12.75 11.92
N ASN D 235 2.81 12.47 11.74
CA ASN D 235 1.87 12.38 12.89
C ASN D 235 2.09 11.11 13.71
N ALA D 236 1.55 11.11 14.93
CA ALA D 236 1.56 9.92 15.77
C ALA D 236 0.75 8.84 15.02
N PRO D 237 1.23 7.56 15.00
CA PRO D 237 0.51 6.49 14.24
C PRO D 237 -0.94 6.25 14.68
N VAL D 238 -1.78 5.84 13.72
CA VAL D 238 -3.20 5.55 13.95
C VAL D 238 -3.30 4.15 14.57
N GLN D 242 -9.43 1.45 16.60
CA GLN D 242 -9.64 2.32 15.44
C GLN D 242 -11.08 2.84 15.43
N LYS D 243 -11.36 3.81 16.31
CA LYS D 243 -12.70 4.38 16.53
C LYS D 243 -13.16 5.46 15.55
N TYR D 244 -12.23 6.35 15.15
CA TYR D 244 -12.54 7.50 14.27
C TYR D 244 -12.36 7.26 12.77
N GLN D 245 -13.10 8.03 11.96
CA GLN D 245 -12.99 7.97 10.52
C GLN D 245 -11.74 8.79 10.13
N VAL D 246 -10.79 8.11 9.48
CA VAL D 246 -9.49 8.67 9.13
C VAL D 246 -9.52 9.31 7.75
N TYR D 247 -8.90 10.49 7.67
CA TYR D 247 -8.73 11.23 6.41
C TYR D 247 -7.23 11.47 6.22
N LYS D 248 -6.67 10.90 5.15
CA LYS D 248 -5.26 11.11 4.77
C LYS D 248 -5.09 12.44 4.03
N ASN D 249 -6.16 12.91 3.40
CA ASN D 249 -6.24 14.23 2.72
C ASN D 249 -7.70 14.72 2.74
N PHE D 250 -7.93 15.95 2.27
CA PHE D 250 -9.28 16.56 2.28
C PHE D 250 -9.97 16.66 0.91
N GLU D 251 -9.48 15.91 -0.07
CA GLU D 251 -10.02 15.96 -1.43
C GLU D 251 -11.44 15.38 -1.53
N THR D 252 -11.71 14.28 -0.80
CA THR D 252 -13.05 13.64 -0.81
C THR D 252 -14.13 14.43 -0.04
N LEU D 253 -13.69 15.37 0.81
CA LEU D 253 -14.59 16.18 1.62
C LEU D 253 -15.25 17.30 0.79
MG MG E . -16.30 -7.34 -8.86
O1 PE4 F . -15.64 -23.28 -13.63
C1 PE4 F . -15.25 -24.36 -12.70
C2 PE4 F . -16.14 -24.74 -11.52
O2 PE4 F . -15.81 -24.11 -10.24
C3 PE4 F . -16.27 -22.74 -10.16
C4 PE4 F . -15.72 -22.01 -8.95
O3 PE4 F . -16.55 -22.26 -7.80
C5 PE4 F . -16.16 -21.53 -6.64
MG MG G . -4.79 -23.75 7.34
MG MG H . 19.53 11.17 6.58
MG MG I . 7.53 1.56 -15.40
C1 GOL J . -3.10 7.42 -7.19
O1 GOL J . -2.46 8.24 -6.23
C2 GOL J . -3.33 8.17 -8.50
O2 GOL J . -3.53 7.22 -9.52
C3 GOL J . -4.55 9.09 -8.41
O3 GOL J . -4.83 9.76 -9.62
MG MG K . -2.74 19.11 15.83
MG MG L . 12.16 36.60 31.98
C1 GOL M . 3.33 21.33 1.83
O1 GOL M . 4.08 21.25 3.04
C2 GOL M . 4.05 22.24 0.86
O2 GOL M . 5.23 21.69 0.31
C3 GOL M . 3.15 22.72 -0.28
O3 GOL M . 3.49 24.03 -0.70
#